data_1PH1
#
_entry.id   1PH1
#
_cell.length_a   93.605
_cell.length_b   93.605
_cell.length_c   423.000
_cell.angle_alpha   90.00
_cell.angle_beta   90.00
_cell.angle_gamma   120.00
#
_symmetry.space_group_name_H-M   'P 61 2 2'
#
loop_
_entity.id
_entity.type
_entity.pdbx_description
1 polymer "5'-D(*GP*GP*GP*GP*TP*TP*TP*TP*GP*GP*GP*GP*T)-3'"
2 polymer 'Telomere-binding protein alpha subunit'
3 polymer 'Telomere-binding protein beta subunit'
4 water water
#
loop_
_entity_poly.entity_id
_entity_poly.type
_entity_poly.pdbx_seq_one_letter_code
_entity_poly.pdbx_strand_id
1 'polydeoxyribonucleotide' (DG)(DG)(DG)(DG)(DT)(DT)(DT)(DT)(DG)(DG)(DG)(DG)(DT) G,D,H
2 'polypeptide(L)'
;KYEYVELAKASLTSAQPQHFYAVVIDATFPYKTNQERYICSLKIVDPTLYLKQQKGAGDASDYATLVLYAKRFEDLPIIH
RAGDIIRVHRATLRLYNGQRQFNANVFYSSSWALFSTDKRSVTQEINNQDAVSDTTPFSFSSKHATIEKNEISILQNLRK
WANQYFSSYSVISSDMYTALNKAQAQKGDFDVVAKILQVHELDEYTNELKLKDASGQVFYTLSLKLKFPHVRTGEVVRIR
SATYDETSTQKKVLILSHYSNIITFIQSSKLAKELRAKIQDDHSVEVASLKKNVSLNAVVLTEVDKKHAALPSTSLQDLF
HHADSDKELQAQDTFRTQFYVTKIEPSDVKEWVKGYDRKTKKSSSLKGASGKGDNIFQVQFLVKDASTQLNNNTYRVLLY
TQDGLGANFFNVKADNLHKNADARKKLEDSAELLTKFNSYVDAVVERRNGFYLIKDTKLIY
;
A
3 'polypeptide(L)'
;PQQQSAFKQLYTELFNNEGDFSKVSSNLKKPLKCYVKESYPHFLVTDGYFFVAPYFTKEAVNEFHAKFPNVNIVDLTDKV
IVINNWSLELRRVNSAEVFTSYANLEARLIVHSFKPNLQERLNPTRYPVNLFRDDEFKTTIQHFRHTALQAAINKTVKGD
NLVDISKVADAAGKKGKVDAGIVKASASKGDEFSDFSFKEGNTATLKIADIFVQEKG
;
B
#
loop_
_chem_comp.id
_chem_comp.type
_chem_comp.name
_chem_comp.formula
DG DNA linking 2'-DEOXYGUANOSINE-5'-MONOPHOSPHATE 'C10 H14 N5 O7 P'
DT DNA linking THYMIDINE-5'-MONOPHOSPHATE 'C10 H15 N2 O8 P'
#
# COMPACT_ATOMS: atom_id res chain seq x y z
N LYS D 1 15.09 10.55 -42.08
CA LYS D 1 15.76 9.21 -41.98
C LYS D 1 16.71 9.17 -40.80
N TYR D 2 16.59 8.13 -39.98
CA TYR D 2 17.43 7.99 -38.80
C TYR D 2 18.35 6.77 -38.91
N GLU D 3 19.61 6.95 -38.51
CA GLU D 3 20.61 5.89 -38.55
C GLU D 3 20.82 5.36 -37.11
N TYR D 4 20.39 4.13 -36.85
CA TYR D 4 20.57 3.58 -35.51
C TYR D 4 21.93 2.92 -35.31
N VAL D 5 22.57 3.25 -34.19
CA VAL D 5 23.89 2.70 -33.88
C VAL D 5 23.87 1.83 -32.62
N GLU D 6 24.69 0.79 -32.60
CA GLU D 6 24.76 -0.11 -31.45
C GLU D 6 25.53 0.54 -30.30
N LEU D 7 25.09 0.28 -29.07
CA LEU D 7 25.67 0.89 -27.88
C LEU D 7 27.18 0.95 -27.77
N ALA D 8 27.85 -0.17 -28.00
CA ALA D 8 29.31 -0.21 -27.90
C ALA D 8 29.99 0.47 -29.08
N LYS D 9 29.26 0.62 -30.18
CA LYS D 9 29.84 1.24 -31.37
C LYS D 9 29.55 2.73 -31.52
N ALA D 10 28.80 3.30 -30.59
CA ALA D 10 28.47 4.73 -30.65
C ALA D 10 29.74 5.53 -30.39
N SER D 11 29.85 6.69 -31.02
CA SER D 11 31.03 7.54 -30.88
C SER D 11 31.14 8.38 -29.61
N LEU D 12 32.30 8.31 -28.98
CA LEU D 12 32.56 9.07 -27.77
C LEU D 12 33.19 10.41 -28.14
N THR D 13 33.80 10.47 -29.32
CA THR D 13 34.47 11.70 -29.75
C THR D 13 33.51 12.68 -30.38
N SER D 14 32.77 12.24 -31.39
CA SER D 14 31.82 13.12 -32.05
C SER D 14 30.61 13.37 -31.17
N ALA D 15 30.60 14.50 -30.47
CA ALA D 15 29.51 14.86 -29.57
C ALA D 15 28.22 15.19 -30.32
N GLN D 16 28.04 14.55 -31.48
CA GLN D 16 26.85 14.75 -32.31
C GLN D 16 25.73 13.84 -31.86
N PRO D 17 24.47 14.25 -32.11
CA PRO D 17 23.33 13.43 -31.69
C PRO D 17 23.31 12.08 -32.38
N GLN D 18 23.12 11.02 -31.60
CA GLN D 18 23.07 9.67 -32.14
C GLN D 18 21.76 9.01 -31.71
N HIS D 19 21.35 7.98 -32.45
CA HIS D 19 20.10 7.29 -32.18
C HIS D 19 20.35 5.80 -31.98
N PHE D 20 19.52 5.17 -31.17
CA PHE D 20 19.70 3.76 -30.90
C PHE D 20 18.46 3.08 -30.33
N TYR D 21 18.44 1.75 -30.43
CA TYR D 21 17.39 0.92 -29.87
C TYR D 21 18.11 0.15 -28.77
N ALA D 22 17.41 -0.17 -27.68
CA ALA D 22 18.08 -0.90 -26.63
C ALA D 22 17.07 -1.54 -25.68
N VAL D 23 17.59 -2.43 -24.85
CA VAL D 23 16.77 -3.14 -23.87
C VAL D 23 17.00 -2.49 -22.51
N VAL D 24 15.91 -2.20 -21.81
CA VAL D 24 15.96 -1.56 -20.49
C VAL D 24 16.00 -2.61 -19.40
N ILE D 25 16.99 -2.53 -18.51
CA ILE D 25 17.09 -3.52 -17.44
C ILE D 25 16.93 -2.89 -16.08
N ASP D 26 16.89 -1.56 -16.05
CA ASP D 26 16.73 -0.88 -14.77
C ASP D 26 16.39 0.58 -14.97
N ALA D 27 15.61 1.14 -14.06
CA ALA D 27 15.25 2.55 -14.20
C ALA D 27 14.62 3.15 -12.96
N THR D 28 14.93 4.41 -12.72
CA THR D 28 14.35 5.13 -11.59
C THR D 28 12.97 5.54 -12.08
N PHE D 29 12.12 5.99 -11.18
CA PHE D 29 10.80 6.47 -11.60
C PHE D 29 11.11 7.88 -12.08
N PRO D 30 10.23 8.47 -12.90
CA PRO D 30 10.64 9.82 -13.27
C PRO D 30 10.49 10.68 -12.02
N TYR D 31 11.49 11.50 -11.70
CA TYR D 31 11.40 12.33 -10.50
C TYR D 31 11.82 13.79 -10.71
N LYS D 32 11.26 14.67 -9.88
CA LYS D 32 11.52 16.10 -9.97
C LYS D 32 12.77 16.47 -9.13
N THR D 33 13.59 17.39 -9.63
CA THR D 33 14.79 17.80 -8.89
C THR D 33 14.68 19.20 -8.30
N ASN D 34 13.98 20.08 -9.01
CA ASN D 34 13.78 21.44 -8.54
C ASN D 34 12.43 21.94 -9.05
N GLN D 35 12.36 23.18 -9.49
CA GLN D 35 11.09 23.72 -9.95
C GLN D 35 10.75 23.58 -11.43
N GLU D 36 11.76 23.33 -12.28
CA GLU D 36 11.49 23.20 -13.70
C GLU D 36 12.16 21.98 -14.31
N ARG D 37 12.53 21.00 -13.47
CA ARG D 37 13.26 19.86 -14.01
C ARG D 37 12.92 18.46 -13.49
N TYR D 38 12.78 17.53 -14.43
CA TYR D 38 12.48 16.13 -14.12
C TYR D 38 13.53 15.25 -14.77
N ILE D 39 13.93 14.21 -14.06
CA ILE D 39 14.94 13.29 -14.54
C ILE D 39 14.49 11.84 -14.42
N CYS D 40 14.96 11.02 -15.36
CA CYS D 40 14.72 9.58 -15.32
C CYS D 40 16.03 8.94 -15.73
N SER D 41 16.57 8.11 -14.85
CA SER D 41 17.84 7.44 -15.11
C SER D 41 17.59 5.96 -15.35
N LEU D 42 18.17 5.43 -16.41
CA LEU D 42 18.00 4.02 -16.68
C LEU D 42 19.27 3.32 -17.20
N LYS D 43 19.31 2.00 -17.06
CA LYS D 43 20.46 1.21 -17.52
C LYS D 43 20.02 0.47 -18.78
N ILE D 44 20.77 0.60 -19.85
CA ILE D 44 20.38 -0.05 -21.10
C ILE D 44 21.37 -1.05 -21.61
N VAL D 45 20.86 -1.96 -22.44
CA VAL D 45 21.67 -3.04 -22.97
C VAL D 45 21.32 -3.43 -24.41
N ASP D 46 22.29 -4.01 -25.12
CA ASP D 46 22.09 -4.48 -26.49
C ASP D 46 23.15 -5.54 -26.84
N PRO D 47 23.02 -6.19 -28.00
CA PRO D 47 23.98 -7.23 -28.41
C PRO D 47 25.48 -6.90 -28.31
N THR D 48 25.84 -5.63 -28.30
CA THR D 48 27.27 -5.28 -28.19
C THR D 48 27.69 -4.88 -26.78
N LEU D 49 26.74 -4.74 -25.86
CA LEU D 49 27.05 -4.34 -24.48
C LEU D 49 25.98 -4.87 -23.55
N TYR D 50 26.22 -6.05 -22.98
CA TYR D 50 25.23 -6.66 -22.11
C TYR D 50 25.85 -7.44 -20.97
N LEU D 51 27.13 -7.72 -21.10
CA LEU D 51 27.78 -8.49 -20.07
C LEU D 51 29.23 -8.11 -19.87
N LYS D 52 29.61 -7.96 -18.61
CA LYS D 52 31.00 -7.72 -18.28
C LYS D 52 31.36 -9.19 -18.48
N GLN D 53 32.55 -9.61 -18.13
CA GLN D 53 32.84 -11.01 -18.36
C GLN D 53 32.24 -11.92 -17.23
N ASP D 59 30.91 -11.78 -17.06
CA ASP D 59 30.01 -12.51 -16.12
C ASP D 59 28.86 -11.66 -15.53
N ALA D 60 29.19 -10.65 -14.72
CA ALA D 60 28.19 -9.76 -14.15
C ALA D 60 27.69 -8.97 -15.36
N SER D 61 26.44 -8.51 -15.35
CA SER D 61 25.92 -7.78 -16.52
C SER D 61 26.53 -6.39 -16.73
N ASP D 62 26.87 -6.07 -17.98
CA ASP D 62 27.46 -4.78 -18.33
C ASP D 62 26.35 -3.95 -18.96
N TYR D 63 26.49 -2.64 -18.93
CA TYR D 63 25.45 -1.80 -19.48
C TYR D 63 25.91 -0.38 -19.73
N ALA D 64 25.07 0.37 -20.41
CA ALA D 64 25.33 1.77 -20.66
C ALA D 64 24.25 2.44 -19.80
N THR D 65 24.38 3.73 -19.54
CA THR D 65 23.38 4.42 -18.75
C THR D 65 22.68 5.45 -19.61
N LEU D 66 21.41 5.67 -19.33
CA LEU D 66 20.64 6.62 -20.10
C LEU D 66 20.01 7.62 -19.15
N VAL D 67 20.32 8.90 -19.33
CA VAL D 67 19.73 9.91 -18.46
C VAL D 67 18.86 10.82 -19.33
N LEU D 68 17.56 10.85 -19.01
CA LEU D 68 16.60 11.65 -19.76
C LEU D 68 16.19 12.86 -18.95
N TYR D 69 16.31 14.05 -19.55
CA TYR D 69 15.94 15.29 -18.88
C TYR D 69 14.70 15.89 -19.51
N ALA D 70 13.85 16.50 -18.68
CA ALA D 70 12.61 17.09 -19.18
C ALA D 70 12.10 18.20 -18.27
N LYS D 71 11.09 18.93 -18.74
CA LYS D 71 10.49 20.02 -17.99
C LYS D 71 9.16 19.59 -17.42
N ARG D 72 8.65 18.47 -17.91
CA ARG D 72 7.36 17.95 -17.45
C ARG D 72 7.46 16.48 -17.09
N PHE D 73 6.68 16.08 -16.11
CA PHE D 73 6.66 14.70 -15.66
C PHE D 73 6.22 13.77 -16.79
N GLU D 74 5.21 14.21 -17.53
CA GLU D 74 4.63 13.43 -18.61
C GLU D 74 5.61 13.19 -19.75
N ASP D 75 6.71 13.93 -19.82
CA ASP D 75 7.64 13.70 -20.93
C ASP D 75 8.70 12.64 -20.67
N LEU D 76 8.59 11.93 -19.55
CA LEU D 76 9.57 10.91 -19.22
C LEU D 76 8.91 9.55 -19.13
N PRO D 77 9.64 8.50 -19.51
CA PRO D 77 9.12 7.13 -19.49
C PRO D 77 8.99 6.47 -18.13
N ILE D 78 7.88 5.78 -17.93
CA ILE D 78 7.65 5.05 -16.70
C ILE D 78 7.95 3.60 -17.02
N ILE D 79 9.02 3.07 -16.43
CA ILE D 79 9.44 1.69 -16.66
C ILE D 79 8.92 0.79 -15.55
N HIS D 80 7.88 0.03 -15.86
CA HIS D 80 7.28 -0.89 -14.90
C HIS D 80 7.91 -2.27 -15.01
N ARG D 81 8.52 -2.55 -16.15
CA ARG D 81 9.06 -3.87 -16.41
C ARG D 81 10.42 -3.85 -17.10
N ALA D 82 11.31 -4.72 -16.63
CA ALA D 82 12.64 -4.85 -17.19
C ALA D 82 12.57 -5.83 -18.37
N GLY D 83 13.23 -5.50 -19.47
CA GLY D 83 13.17 -6.38 -20.61
C GLY D 83 12.54 -5.72 -21.82
N ASP D 84 11.71 -4.70 -21.59
CA ASP D 84 11.09 -4.00 -22.72
C ASP D 84 12.15 -3.19 -23.44
N ILE D 85 11.78 -2.62 -24.59
CA ILE D 85 12.71 -1.87 -25.41
C ILE D 85 12.46 -0.36 -25.48
N ILE D 86 13.54 0.40 -25.64
CA ILE D 86 13.39 1.85 -25.76
C ILE D 86 14.17 2.30 -26.96
N ARG D 87 13.59 3.24 -27.71
CA ARG D 87 14.23 3.79 -28.90
C ARG D 87 14.41 5.26 -28.57
N VAL D 88 15.62 5.77 -28.72
CA VAL D 88 15.92 7.16 -28.39
C VAL D 88 16.47 7.90 -29.59
N HIS D 89 16.03 9.15 -29.75
CA HIS D 89 16.48 9.98 -30.84
C HIS D 89 17.25 11.15 -30.26
N ARG D 90 18.38 11.45 -30.90
CA ARG D 90 19.23 12.55 -30.49
C ARG D 90 19.80 12.52 -29.08
N ALA D 91 20.65 11.54 -28.79
CA ALA D 91 21.30 11.46 -27.49
C ALA D 91 22.76 11.82 -27.72
N THR D 92 23.40 12.40 -26.71
CA THR D 92 24.83 12.72 -26.85
C THR D 92 25.49 11.74 -25.91
N LEU D 93 26.60 11.17 -26.34
CA LEU D 93 27.28 10.18 -25.51
C LEU D 93 28.59 10.72 -24.96
N ARG D 94 28.83 10.44 -23.68
CA ARG D 94 30.06 10.87 -23.03
C ARG D 94 30.38 9.84 -21.98
N LEU D 95 31.64 9.79 -21.59
CA LEU D 95 32.10 8.87 -20.58
C LEU D 95 31.88 9.49 -19.20
N TYR D 96 31.23 8.75 -18.31
CA TYR D 96 30.96 9.23 -16.95
C TYR D 96 31.47 8.17 -15.99
N ASN D 97 32.62 8.46 -15.39
CA ASN D 97 33.27 7.56 -14.45
C ASN D 97 33.41 6.14 -15.02
N GLY D 98 33.97 6.07 -16.23
CA GLY D 98 34.20 4.80 -16.88
C GLY D 98 33.05 4.18 -17.64
N GLN D 99 31.84 4.66 -17.45
CA GLN D 99 30.70 4.09 -18.16
C GLN D 99 30.21 4.94 -19.31
N ARG D 100 29.66 4.30 -20.33
CA ARG D 100 29.13 5.05 -21.45
C ARG D 100 27.75 5.55 -21.02
N GLN D 101 27.61 6.86 -20.97
CA GLN D 101 26.37 7.50 -20.54
C GLN D 101 25.74 8.31 -21.66
N PHE D 102 24.52 7.95 -22.03
CA PHE D 102 23.81 8.68 -23.07
C PHE D 102 22.88 9.67 -22.42
N ASN D 103 23.01 10.94 -22.81
CA ASN D 103 22.19 11.99 -22.26
C ASN D 103 21.26 12.52 -23.34
N ALA D 104 20.01 12.76 -22.97
CA ALA D 104 19.03 13.27 -23.92
C ALA D 104 18.10 14.27 -23.29
N ASN D 105 18.07 15.48 -23.86
CA ASN D 105 17.17 16.50 -23.36
C ASN D 105 15.86 16.42 -24.10
N VAL D 106 14.88 15.80 -23.46
CA VAL D 106 13.59 15.66 -24.07
C VAL D 106 12.96 17.03 -24.21
N PHE D 107 13.25 17.93 -23.27
CA PHE D 107 12.69 19.28 -23.31
C PHE D 107 13.18 20.10 -24.51
N TYR D 108 14.19 19.59 -25.21
CA TYR D 108 14.68 20.31 -26.38
C TYR D 108 14.34 19.61 -27.70
N SER D 109 15.17 18.65 -28.11
CA SER D 109 14.91 17.97 -29.37
C SER D 109 14.99 16.46 -29.33
N SER D 110 15.28 15.89 -28.15
CA SER D 110 15.39 14.44 -28.01
C SER D 110 14.02 13.80 -27.75
N SER D 111 13.89 12.54 -28.12
CA SER D 111 12.65 11.82 -27.89
C SER D 111 12.91 10.34 -27.61
N TRP D 112 11.92 9.68 -27.04
CA TRP D 112 12.00 8.26 -26.74
C TRP D 112 10.68 7.61 -27.09
N ALA D 113 10.72 6.29 -27.26
CA ALA D 113 9.54 5.51 -27.58
C ALA D 113 9.74 4.15 -26.95
N LEU D 114 8.71 3.61 -26.30
CA LEU D 114 8.82 2.32 -25.66
C LEU D 114 8.12 1.20 -26.43
N PHE D 115 8.78 0.06 -26.53
CA PHE D 115 8.20 -1.09 -27.23
C PHE D 115 8.17 -2.31 -26.33
N SER D 116 7.05 -3.02 -26.39
CA SER D 116 6.83 -4.22 -25.60
C SER D 116 7.57 -5.44 -26.15
N THR D 117 8.35 -6.10 -25.30
CA THR D 117 9.07 -7.30 -25.72
C THR D 117 8.09 -8.46 -25.66
N ASP D 118 7.22 -8.44 -24.66
CA ASP D 118 6.21 -9.48 -24.53
C ASP D 118 5.03 -9.08 -25.42
N LYS D 119 4.07 -9.99 -25.59
CA LYS D 119 2.92 -9.72 -26.44
C LYS D 119 2.23 -8.41 -26.07
N ARG D 120 1.95 -8.26 -24.78
CA ARG D 120 1.30 -7.06 -24.28
C ARG D 120 2.25 -6.28 -23.41
N SER D 121 1.94 -5.00 -23.18
CA SER D 121 2.76 -4.17 -22.32
C SER D 121 2.17 -4.36 -20.92
N VAL D 122 2.83 -3.84 -19.91
CA VAL D 122 2.32 -3.99 -18.56
C VAL D 122 0.90 -3.46 -18.47
N THR D 123 0.71 -2.24 -18.96
CA THR D 123 -0.59 -1.58 -18.91
C THR D 123 -1.65 -2.36 -19.67
N GLN D 124 -1.25 -2.95 -20.78
CA GLN D 124 -2.17 -3.73 -21.57
C GLN D 124 -2.54 -5.01 -20.82
N GLU D 125 -1.62 -5.54 -20.02
CA GLU D 125 -1.90 -6.74 -19.24
C GLU D 125 -2.87 -6.41 -18.12
N ILE D 126 -2.68 -5.26 -17.49
CA ILE D 126 -3.55 -4.86 -16.39
C ILE D 126 -4.97 -4.61 -16.85
N ASN D 127 -5.12 -4.05 -18.04
CA ASN D 127 -6.45 -3.72 -18.56
C ASN D 127 -6.99 -4.71 -19.56
N ASN D 128 -6.26 -5.81 -19.72
CA ASN D 128 -6.65 -6.87 -20.64
C ASN D 128 -6.98 -6.34 -22.03
N GLN D 129 -6.01 -5.69 -22.64
CA GLN D 129 -6.18 -5.14 -23.99
C GLN D 129 -5.16 -5.85 -24.86
N ASP D 130 -5.40 -5.88 -26.16
CA ASP D 130 -4.44 -6.49 -27.07
C ASP D 130 -3.62 -5.33 -27.62
N ALA D 131 -2.44 -5.64 -28.13
CA ALA D 131 -1.59 -4.59 -28.69
C ALA D 131 -2.04 -4.33 -30.12
N VAL D 132 -2.07 -3.06 -30.51
CA VAL D 132 -2.49 -2.69 -31.86
C VAL D 132 -1.69 -3.50 -32.88
N SER D 133 -0.37 -3.59 -32.66
CA SER D 133 0.52 -4.35 -33.53
C SER D 133 1.88 -4.48 -32.86
N ASP D 134 2.72 -5.33 -33.43
CA ASP D 134 4.04 -5.57 -32.87
C ASP D 134 5.03 -4.46 -33.23
N THR D 135 4.58 -3.48 -33.98
CA THR D 135 5.45 -2.39 -34.37
C THR D 135 4.98 -1.06 -33.76
N THR D 136 3.99 -1.12 -32.88
CA THR D 136 3.43 0.04 -32.21
C THR D 136 4.06 0.30 -30.84
N PRO D 137 4.47 1.55 -30.56
CA PRO D 137 5.08 1.90 -29.28
C PRO D 137 3.95 2.02 -28.27
N PHE D 138 4.11 1.47 -27.06
CA PHE D 138 3.03 1.58 -26.09
C PHE D 138 3.08 2.88 -25.30
N SER D 139 4.17 3.63 -25.47
CA SER D 139 4.36 4.92 -24.79
C SER D 139 5.46 5.65 -25.52
N PHE D 140 5.33 6.97 -25.63
CA PHE D 140 6.34 7.74 -26.33
C PHE D 140 6.24 9.22 -25.99
N SER D 141 7.33 9.95 -26.21
CA SER D 141 7.33 11.39 -25.93
C SER D 141 6.86 12.19 -27.13
N SER D 142 6.33 13.39 -26.88
CA SER D 142 5.82 14.30 -27.90
C SER D 142 4.45 13.80 -28.43
N LYS D 143 3.87 14.54 -29.37
CA LYS D 143 2.55 14.17 -29.89
C LYS D 143 2.54 13.03 -30.88
N HIS D 144 3.70 12.76 -31.50
CA HIS D 144 3.78 11.71 -32.50
C HIS D 144 5.03 10.85 -32.41
N ALA D 145 4.96 9.70 -33.08
CA ALA D 145 6.04 8.73 -33.15
C ALA D 145 5.92 8.06 -34.51
N THR D 146 7.03 8.01 -35.24
CA THR D 146 7.02 7.38 -36.55
C THR D 146 8.02 6.24 -36.61
N ILE D 147 7.57 5.07 -37.09
CA ILE D 147 8.47 3.95 -37.23
C ILE D 147 8.49 3.56 -38.70
N GLU D 148 9.69 3.60 -39.29
CA GLU D 148 9.88 3.27 -40.70
C GLU D 148 9.99 1.76 -40.95
N LYS D 149 9.80 1.35 -42.21
CA LYS D 149 9.85 -0.07 -42.57
C LYS D 149 11.19 -0.72 -42.23
N ASN D 150 12.28 0.03 -42.37
CA ASN D 150 13.60 -0.52 -42.07
C ASN D 150 13.87 -0.71 -40.58
N GLU D 151 13.02 -0.14 -39.74
CA GLU D 151 13.18 -0.27 -38.29
C GLU D 151 12.53 -1.56 -37.82
N ILE D 152 11.59 -2.08 -38.61
CA ILE D 152 10.89 -3.29 -38.20
C ILE D 152 11.81 -4.47 -37.91
N SER D 153 12.85 -4.63 -38.73
CA SER D 153 13.78 -5.74 -38.53
C SER D 153 14.64 -5.51 -37.29
N ILE D 154 15.02 -4.25 -37.06
CA ILE D 154 15.82 -3.89 -35.90
C ILE D 154 15.07 -4.22 -34.62
N LEU D 155 13.79 -3.90 -34.62
CA LEU D 155 12.92 -4.15 -33.48
C LEU D 155 12.71 -5.64 -33.25
N GLN D 156 12.24 -6.35 -34.27
CA GLN D 156 11.98 -7.79 -34.13
C GLN D 156 13.24 -8.55 -33.68
N ASN D 157 14.37 -8.19 -34.25
CA ASN D 157 15.63 -8.83 -33.89
C ASN D 157 16.01 -8.57 -32.44
N LEU D 158 15.87 -7.32 -32.00
CA LEU D 158 16.22 -6.98 -30.63
C LEU D 158 15.29 -7.68 -29.65
N ARG D 159 14.03 -7.86 -30.03
CA ARG D 159 13.08 -8.56 -29.15
C ARG D 159 13.56 -10.01 -29.03
N LYS D 160 13.86 -10.63 -30.17
CA LYS D 160 14.30 -12.00 -30.18
C LYS D 160 15.49 -12.14 -29.25
N TRP D 161 16.40 -11.17 -29.36
CA TRP D 161 17.62 -11.14 -28.55
C TRP D 161 17.28 -10.86 -27.07
N ALA D 162 16.32 -9.97 -26.83
CA ALA D 162 15.93 -9.64 -25.46
C ALA D 162 15.49 -10.89 -24.73
N ASN D 163 14.77 -11.77 -25.42
CA ASN D 163 14.29 -13.00 -24.79
C ASN D 163 15.39 -14.01 -24.56
N GLN D 164 16.32 -14.11 -25.51
CA GLN D 164 17.43 -15.04 -25.37
C GLN D 164 18.24 -14.61 -24.16
N TYR D 165 18.52 -13.31 -24.11
CA TYR D 165 19.30 -12.70 -23.03
C TYR D 165 18.69 -12.94 -21.65
N PHE D 166 17.40 -12.66 -21.50
CA PHE D 166 16.76 -12.86 -20.20
C PHE D 166 16.55 -14.31 -19.82
N SER D 167 16.41 -15.20 -20.79
CA SER D 167 16.20 -16.60 -20.48
C SER D 167 17.49 -17.36 -20.17
N SER D 168 18.63 -16.83 -20.62
CA SER D 168 19.91 -17.50 -20.36
C SER D 168 20.81 -16.81 -19.33
N TYR D 169 20.48 -15.58 -18.96
CA TYR D 169 21.26 -14.85 -17.95
C TYR D 169 20.31 -14.25 -16.93
N SER D 170 20.83 -13.96 -15.75
CA SER D 170 19.98 -13.36 -14.73
C SER D 170 19.72 -11.88 -15.05
N VAL D 171 20.63 -11.25 -15.78
CA VAL D 171 20.52 -9.83 -16.15
C VAL D 171 20.68 -8.95 -14.92
N ILE D 172 19.80 -9.11 -13.95
CA ILE D 172 19.92 -8.37 -12.72
C ILE D 172 20.81 -9.26 -11.86
N SER D 173 22.11 -9.11 -12.01
CA SER D 173 23.09 -9.90 -11.28
C SER D 173 23.23 -9.57 -9.80
N SER D 174 23.78 -10.53 -9.05
CA SER D 174 23.97 -10.39 -7.62
C SER D 174 24.60 -9.08 -7.18
N ASP D 175 25.33 -8.41 -8.07
CA ASP D 175 25.94 -7.15 -7.68
C ASP D 175 24.98 -5.97 -7.79
N MET D 176 23.79 -6.19 -8.33
CA MET D 176 22.82 -5.11 -8.49
C MET D 176 21.72 -5.06 -7.43
N TYR D 177 21.92 -5.77 -6.33
CA TYR D 177 20.95 -5.75 -5.24
C TYR D 177 21.55 -6.30 -3.95
N THR D 178 20.83 -6.14 -2.86
CA THR D 178 21.30 -6.57 -1.55
C THR D 178 20.33 -7.51 -0.86
N ALA D 179 20.84 -8.59 -0.29
CA ALA D 179 20.00 -9.56 0.41
C ALA D 179 19.25 -8.89 1.56
N LEU D 180 17.95 -9.15 1.62
CA LEU D 180 17.12 -8.56 2.64
C LEU D 180 17.59 -8.77 4.06
N ASN D 181 18.24 -9.89 4.34
CA ASN D 181 18.69 -10.12 5.71
C ASN D 181 19.98 -9.39 6.00
N LYS D 182 20.46 -8.60 5.05
CA LYS D 182 21.68 -7.83 5.26
C LYS D 182 21.35 -6.36 5.09
N ALA D 183 20.08 -6.08 4.86
CA ALA D 183 19.61 -4.72 4.63
C ALA D 183 20.01 -3.72 5.72
N GLN D 184 19.88 -4.13 6.96
CA GLN D 184 20.20 -3.27 8.08
C GLN D 184 21.67 -2.83 8.14
N ALA D 185 22.55 -3.49 7.40
CA ALA D 185 23.98 -3.17 7.41
C ALA D 185 24.39 -2.08 6.41
N GLN D 186 23.47 -1.66 5.55
CA GLN D 186 23.79 -0.64 4.55
C GLN D 186 23.78 0.77 5.13
N LYS D 187 24.70 1.62 4.65
CA LYS D 187 24.79 3.02 5.11
C LYS D 187 23.67 3.85 4.49
N GLY D 188 23.40 3.60 3.21
CA GLY D 188 22.37 4.34 2.51
C GLY D 188 21.31 3.46 1.89
N ASP D 189 20.92 3.77 0.66
CA ASP D 189 19.89 2.98 0.01
C ASP D 189 20.52 1.77 -0.69
N PHE D 190 19.66 0.85 -1.11
CA PHE D 190 20.11 -0.35 -1.79
C PHE D 190 18.99 -0.85 -2.68
N ASP D 191 19.27 -1.90 -3.44
CA ASP D 191 18.25 -2.46 -4.32
C ASP D 191 17.89 -3.85 -3.78
N VAL D 192 16.72 -4.34 -4.16
CA VAL D 192 16.29 -5.66 -3.71
C VAL D 192 15.56 -6.39 -4.82
N VAL D 193 15.65 -7.72 -4.80
CA VAL D 193 14.95 -8.55 -5.78
C VAL D 193 14.18 -9.55 -4.92
N ALA D 194 12.85 -9.48 -4.98
CA ALA D 194 12.06 -10.38 -4.16
C ALA D 194 10.72 -10.77 -4.78
N LYS D 195 10.09 -11.72 -4.11
CA LYS D 195 8.79 -12.20 -4.53
C LYS D 195 7.73 -11.50 -3.69
N ILE D 196 6.66 -11.06 -4.36
CA ILE D 196 5.55 -10.42 -3.66
C ILE D 196 4.75 -11.58 -3.09
N LEU D 197 4.65 -11.64 -1.76
CA LEU D 197 3.93 -12.72 -1.11
C LEU D 197 2.48 -12.37 -0.85
N GLN D 198 2.22 -11.07 -0.77
CA GLN D 198 0.89 -10.57 -0.46
C GLN D 198 0.81 -9.08 -0.80
N VAL D 199 -0.37 -8.65 -1.25
CA VAL D 199 -0.62 -7.25 -1.56
C VAL D 199 -1.80 -6.90 -0.69
N HIS D 200 -1.56 -6.13 0.36
CA HIS D 200 -2.60 -5.74 1.30
C HIS D 200 -3.06 -4.31 1.04
N GLU D 201 -4.37 -4.12 0.88
CA GLU D 201 -4.89 -2.78 0.65
C GLU D 201 -4.97 -2.03 1.99
N LEU D 202 -3.89 -1.34 2.34
CA LEU D 202 -3.83 -0.60 3.60
C LEU D 202 -4.93 0.46 3.65
N ASP D 203 -5.06 1.21 2.58
CA ASP D 203 -6.10 2.23 2.51
C ASP D 203 -6.44 2.60 1.06
N GLU D 204 -7.25 3.62 0.92
CA GLU D 204 -7.70 4.10 -0.37
C GLU D 204 -6.57 4.36 -1.38
N TYR D 205 -5.41 4.79 -0.89
CA TYR D 205 -4.30 5.11 -1.80
C TYR D 205 -3.09 4.22 -1.74
N THR D 206 -2.97 3.45 -0.68
CA THR D 206 -1.77 2.63 -0.47
C THR D 206 -1.89 1.12 -0.37
N ASN D 207 -0.99 0.42 -1.04
CA ASN D 207 -0.94 -1.03 -0.90
C ASN D 207 0.25 -1.25 0.03
N GLU D 208 0.25 -2.34 0.78
CA GLU D 208 1.39 -2.70 1.61
C GLU D 208 1.84 -4.04 1.05
N LEU D 209 3.04 -4.07 0.46
CA LEU D 209 3.59 -5.29 -0.10
C LEU D 209 4.30 -6.13 0.96
N LYS D 210 4.16 -7.45 0.88
CA LYS D 210 4.84 -8.36 1.81
C LYS D 210 5.89 -9.01 0.92
N LEU D 211 7.15 -8.73 1.17
CA LEU D 211 8.22 -9.26 0.34
C LEU D 211 9.09 -10.31 1.00
N LYS D 212 9.63 -11.20 0.19
CA LYS D 212 10.53 -12.24 0.67
C LYS D 212 11.53 -12.48 -0.45
N ASP D 213 12.83 -12.43 -0.13
CA ASP D 213 13.84 -12.64 -1.15
C ASP D 213 14.54 -13.98 -0.94
N ALA D 214 15.57 -14.25 -1.74
CA ALA D 214 16.27 -15.53 -1.66
C ALA D 214 16.93 -15.83 -0.32
N SER D 215 17.16 -14.80 0.50
CA SER D 215 17.80 -15.01 1.80
C SER D 215 16.78 -15.47 2.82
N GLY D 216 15.51 -15.45 2.45
CA GLY D 216 14.47 -15.90 3.36
C GLY D 216 13.86 -14.88 4.30
N GLN D 217 14.37 -13.65 4.30
CA GLN D 217 13.84 -12.62 5.19
C GLN D 217 12.56 -12.00 4.62
N VAL D 218 11.60 -11.72 5.48
CA VAL D 218 10.37 -11.09 5.04
C VAL D 218 10.42 -9.59 5.39
N PHE D 219 10.00 -8.74 4.48
CA PHE D 219 9.96 -7.29 4.72
C PHE D 219 8.65 -6.75 4.17
N TYR D 220 8.23 -5.60 4.69
CA TYR D 220 7.02 -4.96 4.19
C TYR D 220 7.41 -3.62 3.60
N THR D 221 6.58 -3.09 2.73
CA THR D 221 6.86 -1.79 2.15
C THR D 221 5.59 -1.20 1.56
N LEU D 222 5.41 0.10 1.70
CA LEU D 222 4.24 0.76 1.18
C LEU D 222 4.42 1.02 -0.31
N SER D 223 3.36 0.73 -1.07
CA SER D 223 3.38 0.88 -2.51
C SER D 223 2.12 1.60 -2.95
N LEU D 224 2.25 2.85 -3.39
CA LEU D 224 1.10 3.62 -3.83
C LEU D 224 0.37 2.96 -5.00
N LYS D 225 -0.95 2.88 -4.91
CA LYS D 225 -1.75 2.27 -5.96
C LYS D 225 -1.55 2.89 -7.33
N LEU D 226 -1.62 4.20 -7.40
CA LEU D 226 -1.46 4.91 -8.67
C LEU D 226 -0.08 4.79 -9.29
N LYS D 227 0.96 4.80 -8.45
CA LYS D 227 2.33 4.72 -8.95
C LYS D 227 2.75 3.33 -9.45
N PHE D 228 2.39 2.30 -8.71
CA PHE D 228 2.75 0.94 -9.06
C PHE D 228 1.50 0.08 -9.17
N PRO D 229 0.67 0.33 -10.20
CA PRO D 229 -0.56 -0.46 -10.34
C PRO D 229 -0.35 -1.88 -10.83
N HIS D 230 0.89 -2.23 -11.15
CA HIS D 230 1.18 -3.56 -11.68
C HIS D 230 1.61 -4.62 -10.67
N VAL D 231 1.72 -4.27 -9.40
CA VAL D 231 2.12 -5.26 -8.40
C VAL D 231 1.10 -6.41 -8.30
N ARG D 232 1.58 -7.63 -8.21
CA ARG D 232 0.72 -8.80 -8.12
C ARG D 232 1.34 -9.86 -7.24
N THR D 233 0.52 -10.47 -6.41
CA THR D 233 0.97 -11.52 -5.53
C THR D 233 1.56 -12.71 -6.31
N GLY D 234 2.70 -13.23 -5.84
CA GLY D 234 3.33 -14.37 -6.50
C GLY D 234 4.30 -14.00 -7.60
N GLU D 235 4.44 -12.72 -7.91
CA GLU D 235 5.36 -12.26 -8.95
C GLU D 235 6.66 -11.74 -8.33
N VAL D 236 7.73 -11.75 -9.12
CA VAL D 236 9.01 -11.29 -8.64
C VAL D 236 9.31 -9.88 -9.16
N VAL D 237 9.83 -9.02 -8.29
CA VAL D 237 10.16 -7.65 -8.70
C VAL D 237 11.54 -7.20 -8.24
N ARG D 238 12.03 -6.15 -8.87
CA ARG D 238 13.29 -5.55 -8.49
C ARG D 238 12.88 -4.20 -7.96
N ILE D 239 13.27 -3.88 -6.74
CA ILE D 239 12.97 -2.59 -6.16
C ILE D 239 14.22 -1.74 -6.34
N ARG D 240 14.13 -0.67 -7.11
CA ARG D 240 15.28 0.22 -7.28
C ARG D 240 15.23 1.32 -6.22
N SER D 241 16.18 1.26 -5.28
CA SER D 241 16.35 2.23 -4.22
C SER D 241 15.44 2.20 -3.00
N ALA D 242 15.85 1.44 -2.00
CA ALA D 242 15.11 1.32 -0.76
C ALA D 242 16.07 1.58 0.39
N THR D 243 15.53 1.97 1.55
CA THR D 243 16.36 2.16 2.74
C THR D 243 15.69 1.35 3.85
N TYR D 244 16.49 0.94 4.83
CA TYR D 244 16.00 0.15 5.95
C TYR D 244 15.42 1.11 6.97
N ASP D 245 14.21 0.83 7.44
CA ASP D 245 13.55 1.69 8.43
C ASP D 245 13.92 1.28 9.85
N GLU D 246 14.74 2.08 10.51
CA GLU D 246 15.15 1.76 11.87
C GLU D 246 14.11 2.12 12.91
N THR D 247 13.06 2.82 12.50
CA THR D 247 12.00 3.21 13.43
C THR D 247 10.87 2.18 13.51
N SER D 248 10.94 1.15 12.68
CA SER D 248 9.92 0.11 12.72
C SER D 248 10.38 -1.02 13.63
N THR D 249 9.72 -1.12 14.76
CA THR D 249 10.04 -2.09 15.78
C THR D 249 9.23 -3.39 15.68
N GLN D 250 7.95 -3.26 15.34
CA GLN D 250 7.06 -4.42 15.24
C GLN D 250 7.26 -5.22 13.96
N LYS D 251 7.74 -4.58 12.91
CA LYS D 251 7.95 -5.30 11.67
C LYS D 251 9.04 -4.69 10.82
N LYS D 252 9.63 -5.54 9.97
CA LYS D 252 10.72 -5.14 9.07
C LYS D 252 10.16 -4.37 7.88
N VAL D 253 10.50 -3.09 7.81
CA VAL D 253 10.00 -2.21 6.78
C VAL D 253 11.04 -1.53 5.89
N LEU D 254 10.72 -1.43 4.60
CA LEU D 254 11.56 -0.77 3.62
C LEU D 254 10.89 0.55 3.30
N ILE D 255 11.68 1.61 3.17
CA ILE D 255 11.17 2.93 2.85
C ILE D 255 11.53 3.23 1.39
N LEU D 256 10.58 3.68 0.58
CA LEU D 256 10.87 3.99 -0.81
C LEU D 256 10.81 5.49 -0.95
N SER D 257 11.45 6.04 -1.98
CA SER D 257 11.45 7.48 -2.19
C SER D 257 10.70 7.82 -3.46
N HIS D 258 10.53 9.11 -3.75
CA HIS D 258 9.80 9.45 -4.95
C HIS D 258 10.53 8.97 -6.19
N TYR D 259 11.85 8.78 -6.11
CA TYR D 259 12.56 8.29 -7.29
C TYR D 259 12.64 6.76 -7.35
N SER D 260 12.22 6.09 -6.28
CA SER D 260 12.23 4.64 -6.24
C SER D 260 11.29 4.04 -7.27
N ASN D 261 11.57 2.80 -7.68
CA ASN D 261 10.77 2.14 -8.68
C ASN D 261 10.60 0.64 -8.39
N ILE D 262 9.42 0.09 -8.68
CA ILE D 262 9.19 -1.34 -8.48
C ILE D 262 9.08 -1.92 -9.89
N ILE D 263 9.99 -2.82 -10.24
CA ILE D 263 10.06 -3.36 -11.60
C ILE D 263 9.87 -4.87 -11.75
N THR D 264 8.99 -5.27 -12.66
CA THR D 264 8.76 -6.70 -12.89
C THR D 264 9.67 -7.14 -14.04
N PHE D 265 9.57 -8.42 -14.38
CA PHE D 265 10.40 -8.97 -15.48
C PHE D 265 9.54 -9.52 -16.59
N ILE D 266 10.10 -9.55 -17.79
CA ILE D 266 9.38 -10.09 -18.94
C ILE D 266 9.32 -11.60 -18.75
N GLN D 267 8.31 -12.23 -19.36
CA GLN D 267 8.09 -13.67 -19.26
C GLN D 267 9.29 -14.60 -19.38
N SER D 268 10.21 -14.31 -20.30
CA SER D 268 11.37 -15.19 -20.49
C SER D 268 12.45 -15.13 -19.41
N SER D 269 12.31 -14.18 -18.48
CA SER D 269 13.31 -14.02 -17.42
C SER D 269 13.66 -15.26 -16.63
N LYS D 270 14.92 -15.64 -16.68
CA LYS D 270 15.42 -16.80 -15.96
C LYS D 270 15.43 -16.55 -14.46
N LEU D 271 15.82 -15.34 -14.07
CA LEU D 271 15.88 -14.99 -12.65
C LEU D 271 14.50 -14.99 -12.02
N ALA D 272 13.54 -14.37 -12.69
CA ALA D 272 12.18 -14.31 -12.18
C ALA D 272 11.58 -15.70 -12.07
N LYS D 273 11.86 -16.55 -13.03
CA LYS D 273 11.33 -17.91 -13.03
C LYS D 273 11.87 -18.71 -11.84
N GLU D 274 13.19 -18.66 -11.63
CA GLU D 274 13.77 -19.44 -10.53
C GLU D 274 13.30 -18.92 -9.17
N LEU D 275 13.17 -17.61 -9.04
CA LEU D 275 12.75 -17.00 -7.78
C LEU D 275 11.29 -17.27 -7.50
N ARG D 276 10.50 -17.41 -8.55
CA ARG D 276 9.09 -17.69 -8.38
C ARG D 276 8.90 -19.08 -7.77
N ALA D 277 9.78 -20.00 -8.15
CA ALA D 277 9.70 -21.39 -7.67
C ALA D 277 10.41 -21.63 -6.35
N LYS D 278 11.58 -21.04 -6.20
CA LYS D 278 12.37 -21.22 -5.00
C LYS D 278 11.81 -20.55 -3.75
N ILE D 279 11.33 -19.32 -3.90
CA ILE D 279 10.80 -18.59 -2.76
C ILE D 279 9.39 -19.01 -2.43
N GLN D 280 9.23 -19.72 -1.33
CA GLN D 280 7.90 -20.16 -0.95
C GLN D 280 7.26 -19.32 0.13
N ASP D 281 5.93 -19.38 0.19
CA ASP D 281 5.18 -18.58 1.13
C ASP D 281 5.59 -18.76 2.58
N ASP D 282 5.54 -17.65 3.31
CA ASP D 282 5.93 -17.65 4.70
C ASP D 282 4.75 -17.14 5.51
N HIS D 283 4.47 -17.83 6.62
CA HIS D 283 3.37 -17.45 7.53
C HIS D 283 3.90 -17.28 8.94
N SER D 284 5.20 -17.27 9.08
CA SER D 284 5.82 -17.14 10.40
C SER D 284 5.45 -15.81 11.04
N VAL D 285 5.42 -14.74 10.25
CA VAL D 285 5.07 -13.43 10.78
C VAL D 285 3.64 -13.43 11.31
N GLU D 286 2.78 -14.17 10.62
CA GLU D 286 1.38 -14.25 11.01
C GLU D 286 1.19 -15.08 12.27
N VAL D 287 1.82 -16.24 12.33
CA VAL D 287 1.71 -17.12 13.49
C VAL D 287 2.24 -16.47 14.77
N ALA D 288 3.32 -15.70 14.64
CA ALA D 288 3.90 -15.05 15.81
C ALA D 288 3.01 -13.92 16.31
N SER D 289 2.35 -13.25 15.37
CA SER D 289 1.48 -12.14 15.71
C SER D 289 0.17 -12.58 16.38
N LEU D 290 -0.16 -13.86 16.24
CA LEU D 290 -1.40 -14.34 16.83
C LEU D 290 -1.24 -14.58 18.33
N LYS D 291 -0.03 -14.44 18.82
CA LYS D 291 0.24 -14.63 20.24
C LYS D 291 0.23 -13.28 20.94
N LYS D 292 0.18 -12.21 20.15
CA LYS D 292 0.16 -10.86 20.69
C LYS D 292 -1.26 -10.27 20.74
N ASN D 293 -1.51 -9.45 21.75
CA ASN D 293 -2.81 -8.80 21.92
C ASN D 293 -3.09 -7.79 20.82
N VAL D 294 -2.03 -7.13 20.35
CA VAL D 294 -2.15 -6.13 19.28
C VAL D 294 -1.09 -6.41 18.22
N SER D 295 -1.54 -6.70 17.01
CA SER D 295 -0.64 -6.99 15.90
C SER D 295 -0.53 -5.90 14.84
N LEU D 296 0.64 -5.30 14.70
CA LEU D 296 0.80 -4.26 13.69
C LEU D 296 0.97 -4.90 12.31
N ASN D 297 0.92 -6.23 12.28
CA ASN D 297 1.05 -6.98 11.03
C ASN D 297 -0.30 -7.53 10.59
N ALA D 298 -0.66 -7.32 9.34
CA ALA D 298 -1.92 -7.81 8.82
C ALA D 298 -1.85 -9.31 8.64
N VAL D 299 -2.93 -9.99 8.97
CA VAL D 299 -3.01 -11.44 8.82
C VAL D 299 -4.22 -11.82 7.99
N VAL D 300 -3.99 -12.40 6.81
CA VAL D 300 -5.08 -12.83 5.95
C VAL D 300 -5.40 -14.26 6.37
N LEU D 301 -6.47 -14.40 7.15
CA LEU D 301 -6.91 -15.68 7.71
C LEU D 301 -7.47 -16.72 6.76
N THR D 302 -7.82 -16.32 5.55
CA THR D 302 -8.42 -17.28 4.65
C THR D 302 -7.75 -17.47 3.29
N GLU D 303 -8.14 -18.56 2.65
CA GLU D 303 -7.60 -18.92 1.36
C GLU D 303 -8.76 -19.34 0.47
N VAL D 304 -8.77 -18.79 -0.73
CA VAL D 304 -9.80 -19.08 -1.70
C VAL D 304 -9.40 -20.30 -2.53
N ASP D 305 -10.38 -20.97 -3.11
CA ASP D 305 -10.14 -22.17 -3.92
C ASP D 305 -9.33 -21.83 -5.17
N LYS D 306 -8.35 -22.67 -5.49
CA LYS D 306 -7.48 -22.46 -6.65
C LYS D 306 -8.19 -21.97 -7.90
N LYS D 307 -9.39 -22.45 -8.13
CA LYS D 307 -10.11 -22.06 -9.33
C LYS D 307 -10.51 -20.58 -9.39
N HIS D 308 -10.38 -19.86 -8.27
CA HIS D 308 -10.73 -18.44 -8.25
C HIS D 308 -9.48 -17.53 -8.12
N ALA D 309 -8.33 -18.15 -7.88
CA ALA D 309 -7.09 -17.41 -7.71
C ALA D 309 -6.89 -16.30 -8.75
N ALA D 310 -7.43 -16.52 -9.95
CA ALA D 310 -7.30 -15.55 -11.03
C ALA D 310 -8.48 -14.59 -11.16
N LEU D 311 -9.45 -14.72 -10.28
CA LEU D 311 -10.63 -13.87 -10.32
C LEU D 311 -10.32 -12.54 -9.62
N PRO D 312 -10.59 -11.41 -10.29
CA PRO D 312 -10.34 -10.09 -9.71
C PRO D 312 -11.27 -9.81 -8.54
N SER D 313 -10.80 -8.99 -7.61
CA SER D 313 -11.56 -8.64 -6.43
C SER D 313 -12.48 -7.43 -6.61
N THR D 314 -13.52 -7.37 -5.80
CA THR D 314 -14.47 -6.28 -5.87
C THR D 314 -14.62 -5.72 -4.47
N SER D 315 -14.49 -4.40 -4.35
CA SER D 315 -14.58 -3.76 -3.04
C SER D 315 -15.97 -3.82 -2.42
N LEU D 316 -16.03 -3.59 -1.12
CA LEU D 316 -17.30 -3.56 -0.42
C LEU D 316 -18.12 -2.37 -0.95
N GLN D 317 -17.44 -1.29 -1.28
CA GLN D 317 -18.11 -0.10 -1.79
C GLN D 317 -18.93 -0.49 -3.03
N ASP D 318 -18.30 -1.21 -3.95
CA ASP D 318 -18.99 -1.63 -5.16
C ASP D 318 -20.04 -2.69 -4.89
N LEU D 319 -19.69 -3.63 -4.03
CA LEU D 319 -20.56 -4.76 -3.69
C LEU D 319 -21.89 -4.40 -3.07
N PHE D 320 -21.89 -3.36 -2.23
CA PHE D 320 -23.11 -2.96 -1.55
C PHE D 320 -23.74 -1.63 -1.97
N HIS D 321 -22.98 -0.75 -2.61
CA HIS D 321 -23.51 0.54 -3.04
C HIS D 321 -23.68 0.71 -4.55
N HIS D 322 -23.03 -0.14 -5.35
CA HIS D 322 -23.14 0.01 -6.81
C HIS D 322 -23.56 -1.25 -7.56
N ALA D 323 -23.57 -2.39 -6.87
CA ALA D 323 -23.91 -3.68 -7.47
C ALA D 323 -25.28 -3.77 -8.18
N ASP D 324 -26.18 -2.84 -7.87
CA ASP D 324 -27.50 -2.82 -8.52
C ASP D 324 -27.64 -1.65 -9.49
N SER D 325 -26.54 -0.99 -9.81
CA SER D 325 -26.62 0.13 -10.72
C SER D 325 -25.56 0.05 -11.82
N ASP D 326 -24.42 -0.57 -11.50
CA ASP D 326 -23.36 -0.70 -12.47
C ASP D 326 -23.60 -1.89 -13.40
N LYS D 327 -23.54 -1.62 -14.71
CA LYS D 327 -23.73 -2.65 -15.71
C LYS D 327 -22.85 -3.88 -15.48
N GLU D 328 -21.54 -3.67 -15.34
CA GLU D 328 -20.60 -4.78 -15.14
C GLU D 328 -20.89 -5.66 -13.90
N LEU D 329 -21.22 -5.04 -12.78
CA LEU D 329 -21.49 -5.79 -11.54
C LEU D 329 -22.82 -6.51 -11.51
N GLN D 330 -23.75 -6.09 -12.36
CA GLN D 330 -25.09 -6.71 -12.42
C GLN D 330 -25.09 -8.04 -13.14
N ALA D 331 -24.18 -8.19 -14.11
CA ALA D 331 -24.06 -9.39 -14.90
C ALA D 331 -23.34 -10.53 -14.19
N GLN D 332 -22.76 -10.23 -13.03
CA GLN D 332 -21.98 -11.22 -12.28
C GLN D 332 -22.73 -11.66 -11.03
N ASP D 333 -22.54 -12.92 -10.61
CA ASP D 333 -23.17 -13.38 -9.37
C ASP D 333 -22.15 -13.98 -8.41
N THR D 334 -20.91 -14.11 -8.89
CA THR D 334 -19.82 -14.65 -8.09
C THR D 334 -18.71 -13.61 -8.04
N PHE D 335 -18.31 -13.22 -6.82
CA PHE D 335 -17.26 -12.23 -6.65
C PHE D 335 -16.19 -12.64 -5.64
N ARG D 336 -15.06 -11.94 -5.71
CA ARG D 336 -13.97 -12.13 -4.77
C ARG D 336 -13.80 -10.78 -4.10
N THR D 337 -13.65 -10.76 -2.79
CA THR D 337 -13.49 -9.51 -2.07
C THR D 337 -12.68 -9.75 -0.81
N GLN D 338 -12.19 -8.66 -0.23
CA GLN D 338 -11.42 -8.72 1.00
C GLN D 338 -12.11 -7.81 2.02
N PHE D 339 -12.01 -8.16 3.31
CA PHE D 339 -12.61 -7.35 4.35
C PHE D 339 -12.21 -7.83 5.73
N TYR D 340 -12.51 -7.04 6.76
CA TYR D 340 -12.22 -7.44 8.12
C TYR D 340 -13.56 -7.56 8.82
N VAL D 341 -13.65 -8.51 9.75
CA VAL D 341 -14.89 -8.75 10.47
C VAL D 341 -14.95 -7.90 11.72
N THR D 342 -16.03 -7.15 11.90
CA THR D 342 -16.18 -6.29 13.07
C THR D 342 -16.99 -6.96 14.15
N LYS D 343 -17.99 -7.74 13.75
CA LYS D 343 -18.84 -8.43 14.70
C LYS D 343 -19.38 -9.67 14.02
N ILE D 344 -19.64 -10.70 14.81
CA ILE D 344 -20.19 -11.94 14.26
C ILE D 344 -21.49 -12.24 14.96
N GLU D 345 -22.54 -12.44 14.17
CA GLU D 345 -23.84 -12.74 14.71
C GLU D 345 -24.28 -14.15 14.28
N PRO D 346 -24.97 -14.89 15.16
CA PRO D 346 -25.38 -14.49 16.51
C PRO D 346 -24.21 -14.43 17.48
N SER D 347 -24.34 -13.59 18.50
CA SER D 347 -23.30 -13.41 19.53
C SER D 347 -22.82 -14.73 20.11
N ASP D 348 -23.77 -15.56 20.54
CA ASP D 348 -23.44 -16.85 21.14
C ASP D 348 -22.90 -17.81 20.08
N VAL D 349 -21.63 -18.19 20.24
CA VAL D 349 -20.99 -19.10 19.28
C VAL D 349 -21.76 -20.41 19.21
N LYS D 350 -22.43 -20.77 20.30
CA LYS D 350 -23.19 -22.02 20.34
C LYS D 350 -24.36 -22.02 19.35
N GLU D 351 -24.89 -20.85 19.02
CA GLU D 351 -26.00 -20.77 18.07
C GLU D 351 -25.55 -20.61 16.62
N TRP D 352 -24.26 -20.77 16.34
CA TRP D 352 -23.80 -20.64 14.95
C TRP D 352 -24.32 -21.82 14.13
N VAL D 353 -24.51 -22.95 14.78
CA VAL D 353 -25.03 -24.12 14.08
C VAL D 353 -26.47 -24.33 14.51
N LYS D 354 -27.37 -24.31 13.52
CA LYS D 354 -28.80 -24.48 13.77
C LYS D 354 -29.30 -25.72 13.04
N GLY D 355 -30.47 -26.19 13.45
CA GLY D 355 -31.09 -27.33 12.80
C GLY D 355 -31.94 -26.78 11.66
N TYR D 356 -31.81 -27.38 10.47
CA TYR D 356 -32.53 -26.92 9.30
C TYR D 356 -33.51 -27.95 8.74
N ASP D 357 -34.74 -27.51 8.46
CA ASP D 357 -35.77 -28.37 7.91
C ASP D 357 -35.82 -28.07 6.41
N ARG D 358 -35.35 -29.01 5.59
CA ARG D 358 -35.30 -28.84 4.14
C ARG D 358 -36.66 -28.54 3.50
N LYS D 359 -37.72 -29.06 4.08
CA LYS D 359 -39.05 -28.88 3.53
C LYS D 359 -39.72 -27.55 3.85
N THR D 360 -39.69 -27.13 5.11
CA THR D 360 -40.32 -25.88 5.48
C THR D 360 -39.40 -24.66 5.32
N LYS D 361 -38.14 -24.91 4.98
CA LYS D 361 -37.14 -23.86 4.79
C LYS D 361 -36.96 -23.01 6.04
N LYS D 362 -37.00 -23.65 7.21
CA LYS D 362 -36.82 -22.96 8.49
C LYS D 362 -35.71 -23.60 9.31
N SER D 363 -35.00 -22.77 10.07
CA SER D 363 -33.92 -23.25 10.92
C SER D 363 -34.30 -22.99 12.37
N SER D 364 -33.72 -23.75 13.29
CA SER D 364 -34.03 -23.56 14.69
C SER D 364 -32.82 -23.84 15.57
N SER D 365 -32.89 -23.36 16.81
CA SER D 365 -31.82 -23.55 17.77
C SER D 365 -31.79 -24.98 18.26
N LEU D 366 -30.60 -25.47 18.59
CA LEU D 366 -30.48 -26.82 19.10
C LEU D 366 -30.59 -26.72 20.62
N LYS D 367 -31.79 -26.32 21.07
CA LYS D 367 -32.13 -26.14 22.48
C LYS D 367 -32.26 -27.48 23.18
N GLY D 368 -33.33 -28.20 22.84
CA GLY D 368 -33.57 -29.52 23.41
C GLY D 368 -32.92 -30.50 22.46
N ALA D 369 -31.86 -30.04 21.80
CA ALA D 369 -31.05 -30.79 20.83
C ALA D 369 -31.80 -31.65 19.81
N SER D 370 -32.00 -31.04 18.65
CA SER D 370 -32.72 -31.53 17.46
C SER D 370 -32.68 -32.90 16.81
N GLY D 371 -33.46 -32.91 15.74
CA GLY D 371 -33.71 -34.00 14.81
C GLY D 371 -34.56 -33.13 13.88
N LYS D 372 -34.81 -31.93 14.42
CA LYS D 372 -35.60 -30.86 13.81
C LYS D 372 -35.10 -30.55 12.41
N GLY D 373 -33.95 -31.12 12.08
CA GLY D 373 -33.36 -30.90 10.77
C GLY D 373 -31.89 -31.23 10.80
N ASP D 374 -31.22 -31.06 9.67
CA ASP D 374 -29.80 -31.33 9.59
C ASP D 374 -29.05 -30.13 10.12
N ASN D 375 -27.88 -30.39 10.69
CA ASN D 375 -27.09 -29.30 11.22
C ASN D 375 -26.48 -28.50 10.08
N ILE D 376 -26.49 -27.18 10.23
CA ILE D 376 -25.90 -26.27 9.25
C ILE D 376 -25.40 -25.04 9.97
N PHE D 377 -24.52 -24.29 9.30
CA PHE D 377 -24.01 -23.04 9.85
C PHE D 377 -24.89 -21.93 9.31
N GLN D 378 -25.27 -21.02 10.21
CA GLN D 378 -26.07 -19.85 9.83
C GLN D 378 -25.39 -18.68 10.53
N VAL D 379 -24.27 -18.26 9.97
CA VAL D 379 -23.47 -17.19 10.54
C VAL D 379 -23.54 -15.94 9.69
N GLN D 380 -23.66 -14.80 10.36
CA GLN D 380 -23.74 -13.51 9.71
C GLN D 380 -22.58 -12.63 10.16
N PHE D 381 -21.69 -12.32 9.23
CA PHE D 381 -20.53 -11.49 9.53
C PHE D 381 -20.86 -10.03 9.21
N LEU D 382 -20.43 -9.13 10.08
CA LEU D 382 -20.63 -7.71 9.87
C LEU D 382 -19.23 -7.23 9.55
N VAL D 383 -19.02 -6.86 8.29
CA VAL D 383 -17.70 -6.46 7.81
C VAL D 383 -17.50 -5.02 7.36
N LYS D 384 -16.26 -4.73 6.96
CA LYS D 384 -15.88 -3.40 6.51
C LYS D 384 -14.56 -3.53 5.76
N ASP D 385 -14.20 -2.56 4.92
CA ASP D 385 -12.92 -2.65 4.20
C ASP D 385 -12.30 -1.28 3.93
N ALA D 386 -11.21 -1.25 3.16
CA ALA D 386 -10.51 -0.01 2.85
C ALA D 386 -11.43 1.03 2.18
N SER D 387 -12.19 0.56 1.21
CA SER D 387 -13.11 1.43 0.48
C SER D 387 -14.29 1.97 1.30
N THR D 388 -14.48 1.47 2.52
CA THR D 388 -15.59 1.92 3.35
C THR D 388 -15.14 2.28 4.75
N GLN D 389 -13.82 2.36 4.93
CA GLN D 389 -13.16 2.66 6.18
C GLN D 389 -13.78 3.87 6.90
N LEU D 390 -13.99 4.96 6.18
CA LEU D 390 -14.53 6.17 6.80
C LEU D 390 -16.03 6.31 7.00
N ASN D 391 -16.86 5.51 6.32
CA ASN D 391 -18.30 5.67 6.50
C ASN D 391 -18.82 5.02 7.77
N ASN D 392 -20.07 5.33 8.09
CA ASN D 392 -20.72 4.83 9.30
C ASN D 392 -21.46 3.52 9.06
N ASN D 393 -20.98 2.73 8.11
CA ASN D 393 -21.62 1.45 7.82
C ASN D 393 -20.76 0.23 8.10
N THR D 394 -21.44 -0.89 8.30
CA THR D 394 -20.78 -2.18 8.47
C THR D 394 -21.67 -3.08 7.60
N TYR D 395 -21.07 -4.02 6.88
CA TYR D 395 -21.83 -4.83 5.96
C TYR D 395 -22.06 -6.30 6.29
N ARG D 396 -23.23 -6.80 5.93
CA ARG D 396 -23.60 -8.18 6.19
C ARG D 396 -23.12 -9.14 5.11
N VAL D 397 -22.33 -10.12 5.54
CA VAL D 397 -21.82 -11.14 4.64
C VAL D 397 -22.19 -12.44 5.34
N LEU D 398 -22.84 -13.32 4.59
CA LEU D 398 -23.34 -14.58 5.13
C LEU D 398 -22.55 -15.86 4.89
N LEU D 399 -22.72 -16.78 5.83
CA LEU D 399 -22.12 -18.10 5.77
C LEU D 399 -23.31 -19.00 6.13
N TYR D 400 -24.20 -19.18 5.17
CA TYR D 400 -25.39 -20.02 5.33
C TYR D 400 -25.08 -21.25 4.50
N THR D 401 -24.71 -22.33 5.18
CA THR D 401 -24.28 -23.58 4.54
C THR D 401 -25.32 -24.67 4.19
N GLN D 402 -26.61 -24.40 4.34
CA GLN D 402 -27.61 -25.42 4.06
C GLN D 402 -27.52 -26.01 2.65
N ASP D 403 -27.10 -25.24 1.66
CA ASP D 403 -26.97 -25.76 0.28
C ASP D 403 -25.53 -26.16 -0.04
N GLY D 404 -24.67 -26.15 0.96
CA GLY D 404 -23.29 -26.52 0.71
C GLY D 404 -22.28 -25.40 0.55
N LEU D 405 -22.75 -24.17 0.31
CA LEU D 405 -21.81 -23.07 0.15
C LEU D 405 -21.13 -22.74 1.47
N GLY D 406 -19.81 -22.76 1.48
CA GLY D 406 -19.06 -22.45 2.69
C GLY D 406 -19.12 -23.48 3.80
N ALA D 407 -19.50 -24.71 3.47
CA ALA D 407 -19.60 -25.76 4.48
C ALA D 407 -18.29 -26.03 5.24
N ASN D 408 -17.15 -25.89 4.57
CA ASN D 408 -15.87 -26.14 5.21
C ASN D 408 -15.10 -24.90 5.63
N PHE D 409 -15.78 -23.75 5.64
CA PHE D 409 -15.13 -22.50 6.02
C PHE D 409 -14.30 -22.58 7.30
N PHE D 410 -14.87 -23.12 8.37
CA PHE D 410 -14.17 -23.22 9.65
C PHE D 410 -13.30 -24.46 9.86
N ASN D 411 -13.22 -25.33 8.86
CA ASN D 411 -12.45 -26.57 9.00
C ASN D 411 -13.04 -27.37 10.16
N VAL D 412 -14.33 -27.18 10.39
CA VAL D 412 -15.08 -27.84 11.46
C VAL D 412 -16.42 -28.16 10.86
N LYS D 413 -16.71 -29.44 10.64
CA LYS D 413 -18.00 -29.81 10.07
C LYS D 413 -19.09 -29.43 11.08
N ALA D 414 -20.22 -28.94 10.56
CA ALA D 414 -21.33 -28.53 11.41
C ALA D 414 -21.71 -29.59 12.43
N ASP D 415 -22.06 -29.15 13.63
CA ASP D 415 -22.45 -30.06 14.70
C ASP D 415 -23.12 -29.26 15.79
N ASN D 416 -23.85 -29.96 16.67
CA ASN D 416 -24.53 -29.33 17.78
C ASN D 416 -23.45 -28.78 18.69
N LEU D 417 -23.26 -27.47 18.68
CA LEU D 417 -22.23 -26.85 19.49
C LEU D 417 -22.55 -26.80 20.98
N HIS D 418 -23.75 -27.23 21.37
CA HIS D 418 -24.15 -27.26 22.78
C HIS D 418 -23.66 -28.56 23.40
N LYS D 419 -23.34 -29.55 22.56
CA LYS D 419 -22.89 -30.87 23.02
C LYS D 419 -21.45 -31.22 22.64
N ASN D 420 -20.99 -30.81 21.45
CA ASN D 420 -19.64 -31.12 21.00
C ASN D 420 -18.68 -30.01 21.43
N ALA D 421 -18.11 -30.19 22.61
CA ALA D 421 -17.17 -29.23 23.19
C ALA D 421 -16.00 -28.94 22.25
N ASP D 422 -15.48 -29.97 21.61
CA ASP D 422 -14.34 -29.78 20.72
C ASP D 422 -14.65 -28.81 19.60
N ALA D 423 -15.80 -29.02 18.96
CA ALA D 423 -16.21 -28.17 17.85
C ALA D 423 -16.47 -26.75 18.33
N ARG D 424 -17.12 -26.63 19.48
CA ARG D 424 -17.42 -25.31 20.03
C ARG D 424 -16.17 -24.49 20.32
N LYS D 425 -15.17 -25.16 20.87
CA LYS D 425 -13.92 -24.50 21.22
C LYS D 425 -13.17 -24.01 19.97
N LYS D 426 -13.11 -24.86 18.94
CA LYS D 426 -12.42 -24.47 17.73
C LYS D 426 -13.11 -23.29 17.04
N LEU D 427 -14.42 -23.20 17.18
CA LEU D 427 -15.16 -22.09 16.58
C LEU D 427 -14.99 -20.85 17.46
N GLU D 428 -14.98 -21.03 18.78
CA GLU D 428 -14.78 -19.89 19.66
C GLU D 428 -13.41 -19.29 19.34
N ASP D 429 -12.37 -20.11 19.21
CA ASP D 429 -11.05 -19.56 18.92
C ASP D 429 -11.05 -18.83 17.58
N SER D 430 -11.76 -19.37 16.60
CA SER D 430 -11.79 -18.72 15.30
C SER D 430 -12.50 -17.38 15.39
N ALA D 431 -13.48 -17.28 16.28
CA ALA D 431 -14.24 -16.05 16.47
C ALA D 431 -13.36 -14.91 16.94
N GLU D 432 -12.49 -15.19 17.92
CA GLU D 432 -11.59 -14.17 18.44
C GLU D 432 -10.59 -13.75 17.37
N LEU D 433 -10.16 -14.71 16.56
CA LEU D 433 -9.20 -14.43 15.50
C LEU D 433 -9.80 -13.54 14.42
N LEU D 434 -11.05 -13.82 14.05
CA LEU D 434 -11.73 -13.05 13.02
C LEU D 434 -12.06 -11.62 13.43
N THR D 435 -12.40 -11.40 14.71
CA THR D 435 -12.74 -10.06 15.18
C THR D 435 -11.50 -9.26 15.65
N LYS D 436 -10.33 -9.90 15.66
CA LYS D 436 -9.09 -9.27 16.12
C LYS D 436 -8.56 -8.23 15.13
N PHE D 437 -8.09 -7.09 15.65
CA PHE D 437 -7.56 -6.06 14.78
C PHE D 437 -6.48 -6.60 13.85
N ASN D 438 -6.49 -6.10 12.62
CA ASN D 438 -5.58 -6.48 11.56
C ASN D 438 -5.77 -7.88 10.97
N SER D 439 -6.86 -8.55 11.34
CA SER D 439 -7.17 -9.84 10.74
C SER D 439 -8.07 -9.52 9.54
N TYR D 440 -7.85 -10.17 8.41
CA TYR D 440 -8.67 -9.94 7.23
C TYR D 440 -9.11 -11.26 6.64
N VAL D 441 -10.14 -11.18 5.79
CA VAL D 441 -10.70 -12.35 5.13
C VAL D 441 -10.62 -12.18 3.60
N ASP D 442 -10.11 -13.18 2.90
CA ASP D 442 -10.04 -13.13 1.43
C ASP D 442 -11.10 -14.17 1.06
N ALA D 443 -12.18 -13.74 0.46
CA ALA D 443 -13.25 -14.68 0.16
C ALA D 443 -13.99 -14.53 -1.16
N VAL D 444 -14.60 -15.62 -1.59
CA VAL D 444 -15.39 -15.63 -2.80
C VAL D 444 -16.83 -15.69 -2.31
N VAL D 445 -17.69 -14.86 -2.90
CA VAL D 445 -19.09 -14.81 -2.49
C VAL D 445 -20.04 -14.96 -3.67
N GLU D 446 -21.23 -15.46 -3.37
CA GLU D 446 -22.24 -15.65 -4.39
C GLU D 446 -23.48 -14.85 -4.01
N ARG D 447 -23.96 -14.06 -4.96
CA ARG D 447 -25.11 -13.22 -4.70
C ARG D 447 -26.45 -13.94 -4.88
N ARG D 448 -27.25 -13.95 -3.81
CA ARG D 448 -28.58 -14.58 -3.83
C ARG D 448 -29.56 -13.67 -3.12
N ASN D 449 -30.64 -13.33 -3.82
CA ASN D 449 -31.68 -12.48 -3.28
C ASN D 449 -31.16 -11.28 -2.48
N GLY D 450 -30.23 -10.54 -3.07
CA GLY D 450 -29.69 -9.36 -2.40
C GLY D 450 -28.68 -9.57 -1.29
N PHE D 451 -28.20 -10.79 -1.12
CA PHE D 451 -27.22 -11.08 -0.10
C PHE D 451 -26.04 -11.83 -0.68
N TYR D 452 -24.91 -11.77 0.03
CA TYR D 452 -23.70 -12.46 -0.40
C TYR D 452 -23.39 -13.60 0.55
N LEU D 453 -23.22 -14.79 0.00
CA LEU D 453 -22.92 -15.97 0.78
C LEU D 453 -21.50 -16.44 0.51
N ILE D 454 -20.74 -16.69 1.57
CA ILE D 454 -19.35 -17.14 1.41
C ILE D 454 -19.32 -18.54 0.77
N LYS D 455 -18.41 -18.75 -0.16
CA LYS D 455 -18.28 -20.07 -0.78
C LYS D 455 -16.85 -20.29 -1.26
N ASP D 456 -16.44 -21.55 -1.37
CA ASP D 456 -15.10 -21.90 -1.82
C ASP D 456 -14.03 -21.15 -1.06
N THR D 457 -14.22 -21.02 0.24
CA THR D 457 -13.29 -20.28 1.08
C THR D 457 -13.09 -20.97 2.41
N LYS D 458 -11.84 -21.07 2.85
CA LYS D 458 -11.56 -21.69 4.14
C LYS D 458 -10.44 -21.01 4.93
N LEU D 459 -10.58 -21.11 6.24
CA LEU D 459 -9.63 -20.58 7.18
C LEU D 459 -8.31 -21.35 7.00
N ILE D 460 -7.18 -20.70 7.23
CA ILE D 460 -5.92 -21.40 7.12
C ILE D 460 -5.20 -21.35 8.46
N TYR D 461 -5.89 -20.86 9.49
CA TYR D 461 -5.37 -20.79 10.86
C TYR D 461 -6.41 -21.32 11.84
N PRO E 1 11.63 -3.23 19.81
CA PRO E 1 12.49 -2.81 20.94
C PRO E 1 12.45 -1.30 21.16
N GLN E 2 13.62 -0.68 21.26
CA GLN E 2 13.74 0.76 21.48
C GLN E 2 13.33 1.59 20.26
N GLN E 3 12.42 2.53 20.47
CA GLN E 3 11.96 3.40 19.40
C GLN E 3 12.90 4.59 19.25
N GLN E 4 13.58 4.68 18.11
CA GLN E 4 14.53 5.74 17.83
C GLN E 4 13.90 7.11 17.58
N SER E 5 12.68 7.12 17.04
CA SER E 5 11.99 8.36 16.72
C SER E 5 11.17 8.94 17.86
N ALA E 6 11.63 10.06 18.40
CA ALA E 6 10.94 10.72 19.50
C ALA E 6 9.48 10.98 19.13
N PHE E 7 9.27 11.54 17.94
CA PHE E 7 7.92 11.85 17.46
C PHE E 7 7.04 10.61 17.35
N LYS E 8 7.57 9.58 16.69
CA LYS E 8 6.82 8.34 16.50
C LYS E 8 6.41 7.72 17.84
N GLN E 9 7.30 7.77 18.83
CA GLN E 9 6.98 7.20 20.15
C GLN E 9 5.91 8.02 20.84
N LEU E 10 6.05 9.35 20.76
CA LEU E 10 5.11 10.28 21.37
C LEU E 10 3.71 10.16 20.79
N TYR E 11 3.61 10.32 19.47
CA TYR E 11 2.33 10.23 18.77
C TYR E 11 1.67 8.85 18.88
N THR E 12 2.47 7.78 18.92
CA THR E 12 1.93 6.43 19.05
C THR E 12 1.37 6.22 20.45
N GLU E 13 2.07 6.74 21.47
CA GLU E 13 1.60 6.59 22.83
C GLU E 13 0.34 7.39 23.06
N LEU E 14 0.20 8.51 22.37
CA LEU E 14 -0.99 9.33 22.49
C LEU E 14 -2.20 8.55 21.95
N PHE E 15 -2.05 7.96 20.76
CA PHE E 15 -3.15 7.19 20.16
C PHE E 15 -3.43 5.92 20.95
N ASN E 16 -2.40 5.34 21.55
CA ASN E 16 -2.58 4.11 22.32
C ASN E 16 -3.11 4.42 23.73
N ASN E 17 -3.40 5.69 23.99
CA ASN E 17 -3.93 6.12 25.28
C ASN E 17 -5.10 7.05 25.03
N GLU E 18 -5.96 6.65 24.09
CA GLU E 18 -7.15 7.39 23.72
C GLU E 18 -7.04 8.92 23.72
N GLY E 19 -5.99 9.43 23.09
CA GLY E 19 -5.80 10.88 23.01
C GLY E 19 -5.61 11.62 24.31
N ASP E 20 -5.39 10.88 25.40
CA ASP E 20 -5.19 11.50 26.71
C ASP E 20 -3.70 11.79 26.91
N PHE E 21 -3.31 13.06 26.84
CA PHE E 21 -1.92 13.42 27.00
C PHE E 21 -1.38 13.20 28.42
N SER E 22 -2.27 13.10 29.40
CA SER E 22 -1.86 12.89 30.79
C SER E 22 -1.49 11.43 31.04
N LYS E 23 -1.93 10.54 30.14
CA LYS E 23 -1.63 9.12 30.29
C LYS E 23 -0.34 8.73 29.57
N VAL E 24 0.25 9.66 28.82
CA VAL E 24 1.48 9.36 28.13
C VAL E 24 2.63 9.48 29.12
N SER E 25 3.61 8.59 28.99
CA SER E 25 4.78 8.55 29.87
C SER E 25 5.39 9.92 30.15
N SER E 26 5.63 10.20 31.43
CA SER E 26 6.21 11.47 31.86
C SER E 26 7.65 11.63 31.40
N ASN E 27 8.39 10.53 31.32
CA ASN E 27 9.78 10.60 30.89
C ASN E 27 9.93 11.00 29.42
N LEU E 28 8.82 11.32 28.78
CA LEU E 28 8.82 11.72 27.37
C LEU E 28 8.44 13.20 27.19
N LYS E 29 8.03 13.84 28.28
CA LYS E 29 7.62 15.24 28.23
C LYS E 29 8.79 16.20 28.49
N LYS E 30 9.97 15.86 27.99
CA LYS E 30 11.14 16.71 28.16
C LYS E 30 11.28 17.61 26.93
N PRO E 31 12.12 18.65 27.00
CA PRO E 31 12.29 19.56 25.85
C PRO E 31 12.62 18.83 24.54
N LEU E 32 12.01 19.30 23.46
CA LEU E 32 12.22 18.70 22.14
C LEU E 32 13.19 19.46 21.24
N LYS E 33 14.34 18.84 20.98
CA LYS E 33 15.36 19.46 20.13
C LYS E 33 15.11 18.96 18.71
N CYS E 34 14.64 19.85 17.83
CA CYS E 34 14.37 19.44 16.46
C CYS E 34 14.79 20.39 15.34
N TYR E 35 15.17 19.79 14.24
CA TYR E 35 15.62 20.48 13.04
C TYR E 35 14.44 20.97 12.19
N VAL E 36 14.54 22.19 11.69
CA VAL E 36 13.47 22.76 10.86
C VAL E 36 13.69 22.45 9.39
N LYS E 37 12.82 21.62 8.82
CA LYS E 37 12.95 21.25 7.41
C LYS E 37 12.40 22.32 6.49
N GLU E 38 11.23 22.85 6.83
CA GLU E 38 10.58 23.89 6.03
C GLU E 38 9.94 24.89 6.96
N SER E 39 9.73 26.11 6.46
CA SER E 39 9.13 27.17 7.27
C SER E 39 7.95 27.85 6.58
N TYR E 40 7.87 27.68 5.26
CA TYR E 40 6.79 28.28 4.50
C TYR E 40 6.74 27.59 3.15
N PRO E 41 5.52 27.30 2.64
CA PRO E 41 4.18 27.58 3.16
C PRO E 41 3.78 26.69 4.34
N HIS E 42 4.56 25.64 4.62
CA HIS E 42 4.25 24.74 5.72
C HIS E 42 5.45 24.67 6.66
N PHE E 43 5.22 24.85 7.96
CA PHE E 43 6.29 24.78 8.94
C PHE E 43 6.40 23.32 9.39
N LEU E 44 7.50 22.68 9.01
CA LEU E 44 7.73 21.27 9.33
C LEU E 44 9.08 21.04 10.01
N VAL E 45 9.06 20.37 11.17
CA VAL E 45 10.29 20.07 11.90
C VAL E 45 10.53 18.57 11.98
N THR E 46 11.79 18.17 12.03
CA THR E 46 12.12 16.74 12.08
C THR E 46 12.76 16.33 13.39
N ASP E 47 12.73 15.04 13.69
CA ASP E 47 13.36 14.54 14.90
C ASP E 47 14.48 13.63 14.45
N GLY E 48 14.88 13.81 13.19
CA GLY E 48 15.94 12.99 12.64
C GLY E 48 15.41 11.77 11.89
N TYR E 49 14.11 11.54 11.93
CA TYR E 49 13.52 10.40 11.22
C TYR E 49 12.22 10.76 10.54
N PHE E 50 11.41 11.60 11.18
CA PHE E 50 10.14 12.01 10.59
C PHE E 50 9.95 13.50 10.74
N PHE E 51 8.99 14.04 10.00
CA PHE E 51 8.68 15.44 10.10
C PHE E 51 7.21 15.60 10.48
N VAL E 52 6.95 16.53 11.38
CA VAL E 52 5.58 16.81 11.82
C VAL E 52 5.43 18.32 11.78
N ALA E 53 4.18 18.77 11.79
CA ALA E 53 3.90 20.20 11.76
C ALA E 53 3.54 20.70 13.15
N PRO E 54 4.31 21.65 13.67
CA PRO E 54 4.02 22.19 15.00
C PRO E 54 2.93 23.26 14.91
N TYR E 55 2.07 23.30 15.92
CA TYR E 55 1.00 24.29 15.95
C TYR E 55 1.28 25.31 17.07
N PHE E 56 1.70 26.50 16.66
CA PHE E 56 2.04 27.59 17.58
C PHE E 56 0.85 28.42 18.07
N THR E 57 0.80 28.64 19.39
CA THR E 57 -0.25 29.45 20.00
C THR E 57 0.10 30.92 19.82
N LYS E 58 -0.87 31.82 19.95
CA LYS E 58 -0.59 33.24 19.78
C LYS E 58 0.42 33.68 20.86
N GLU E 59 0.33 33.06 22.03
CA GLU E 59 1.22 33.38 23.14
C GLU E 59 2.65 32.98 22.80
N ALA E 60 2.80 31.82 22.16
CA ALA E 60 4.11 31.32 21.79
C ALA E 60 4.89 32.22 20.82
N VAL E 61 4.21 32.80 19.84
CA VAL E 61 4.90 33.67 18.88
C VAL E 61 5.18 35.06 19.43
N ASN E 62 4.30 35.55 20.30
CA ASN E 62 4.52 36.86 20.87
C ASN E 62 5.71 36.79 21.82
N GLU E 63 5.78 35.69 22.57
CA GLU E 63 6.87 35.48 23.51
C GLU E 63 8.18 35.36 22.73
N PHE E 64 8.09 34.69 21.60
CA PHE E 64 9.23 34.47 20.71
C PHE E 64 9.73 35.81 20.17
N HIS E 65 8.80 36.59 19.61
CA HIS E 65 9.11 37.89 19.03
C HIS E 65 9.69 38.91 20.03
N ALA E 66 9.65 38.57 21.32
CA ALA E 66 10.16 39.44 22.36
C ALA E 66 11.57 39.03 22.79
N LYS E 67 11.73 37.76 23.13
CA LYS E 67 13.03 37.26 23.56
C LYS E 67 14.01 37.14 22.41
N PHE E 68 13.49 37.19 21.18
CA PHE E 68 14.34 37.09 20.00
C PHE E 68 13.85 38.04 18.91
N PRO E 69 14.12 39.34 19.08
CA PRO E 69 13.72 40.38 18.14
C PRO E 69 14.37 40.22 16.77
N ASN E 70 13.61 40.55 15.73
CA ASN E 70 14.07 40.50 14.34
C ASN E 70 14.36 39.11 13.76
N VAL E 71 14.46 38.09 14.61
CA VAL E 71 14.71 36.73 14.11
C VAL E 71 13.37 36.13 13.68
N ASN E 72 13.03 36.31 12.40
CA ASN E 72 11.76 35.81 11.85
C ASN E 72 11.57 34.30 11.87
N ILE E 73 10.37 33.88 12.22
CA ILE E 73 10.03 32.47 12.30
C ILE E 73 9.92 31.83 10.92
N VAL E 74 9.28 32.54 9.99
CA VAL E 74 9.11 32.04 8.65
C VAL E 74 10.41 31.94 7.85
N ASP E 75 11.55 32.14 8.52
CA ASP E 75 12.85 32.07 7.85
C ASP E 75 13.77 31.12 8.61
N LEU E 76 13.18 30.28 9.45
CA LEU E 76 13.95 29.34 10.26
C LEU E 76 14.40 28.08 9.54
N THR E 77 14.08 28.00 8.25
CA THR E 77 14.46 26.85 7.44
C THR E 77 15.94 26.51 7.58
N ASP E 78 16.23 25.24 7.80
CA ASP E 78 17.58 24.71 7.94
C ASP E 78 18.30 25.08 9.24
N LYS E 79 17.53 25.54 10.22
CA LYS E 79 18.10 25.91 11.51
C LYS E 79 17.30 25.14 12.55
N VAL E 80 17.85 24.99 13.75
CA VAL E 80 17.17 24.23 14.79
C VAL E 80 16.37 25.08 15.78
N ILE E 81 15.44 24.43 16.48
CA ILE E 81 14.62 25.10 17.47
C ILE E 81 14.46 24.13 18.62
N VAL E 82 14.31 24.68 19.82
CA VAL E 82 14.12 23.87 21.00
C VAL E 82 12.80 24.27 21.62
N ILE E 83 11.87 23.32 21.63
CA ILE E 83 10.55 23.56 22.20
C ILE E 83 10.59 23.16 23.66
N ASN E 84 10.51 24.16 24.53
CA ASN E 84 10.58 23.93 25.97
C ASN E 84 9.23 23.59 26.59
N ASN E 85 8.17 24.23 26.10
CA ASN E 85 6.83 23.96 26.63
C ASN E 85 5.93 23.54 25.47
N TRP E 86 5.42 22.30 25.55
CA TRP E 86 4.55 21.77 24.50
C TRP E 86 3.58 20.69 25.01
N SER E 87 2.48 20.54 24.28
CA SER E 87 1.45 19.55 24.59
C SER E 87 0.97 18.85 23.31
N LEU E 88 0.35 17.67 23.46
CA LEU E 88 -0.16 16.92 22.31
C LEU E 88 -1.68 16.75 22.36
N GLU E 89 -2.36 17.06 21.27
CA GLU E 89 -3.81 16.93 21.18
C GLU E 89 -4.23 16.07 20.00
N LEU E 90 -5.47 15.60 20.05
CA LEU E 90 -6.04 14.79 18.98
C LEU E 90 -7.19 15.61 18.39
N ARG E 91 -7.21 15.74 17.07
CA ARG E 91 -8.24 16.51 16.39
C ARG E 91 -8.82 15.75 15.22
N ARG E 92 -10.08 16.03 14.90
CA ARG E 92 -10.74 15.39 13.76
C ARG E 92 -10.54 16.36 12.60
N VAL E 93 -10.05 15.87 11.48
CA VAL E 93 -9.82 16.74 10.33
C VAL E 93 -10.20 16.07 9.03
N ASN E 94 -9.94 16.76 7.93
CA ASN E 94 -10.22 16.21 6.61
C ASN E 94 -8.86 15.82 6.02
N SER E 95 -8.56 14.54 6.10
CA SER E 95 -7.30 13.99 5.62
C SER E 95 -7.07 14.24 4.14
N ALA E 96 -8.12 14.52 3.41
CA ALA E 96 -7.98 14.77 1.99
C ALA E 96 -7.40 16.16 1.77
N GLU E 97 -7.49 17.00 2.80
CA GLU E 97 -7.00 18.37 2.71
C GLU E 97 -5.78 18.63 3.59
N VAL E 98 -5.67 17.91 4.69
CA VAL E 98 -4.53 18.05 5.61
C VAL E 98 -3.60 16.87 5.40
N PHE E 99 -2.38 17.11 4.92
CA PHE E 99 -1.47 16.00 4.68
C PHE E 99 -0.76 15.48 5.93
N THR E 100 -0.84 16.23 7.03
CA THR E 100 -0.22 15.81 8.27
C THR E 100 -1.28 15.08 9.11
N SER E 101 -2.06 14.25 8.43
CA SER E 101 -3.11 13.50 9.12
C SER E 101 -3.40 12.20 8.38
N TYR E 102 -4.23 11.36 8.98
CA TYR E 102 -4.60 10.09 8.38
C TYR E 102 -5.96 9.64 8.88
N ALA E 103 -6.74 9.06 7.98
CA ALA E 103 -8.06 8.58 8.35
C ALA E 103 -8.82 9.63 9.18
N ASN E 104 -8.79 10.87 8.69
CA ASN E 104 -9.48 11.99 9.33
C ASN E 104 -9.18 12.22 10.81
N LEU E 105 -7.97 11.86 11.22
CA LEU E 105 -7.54 12.05 12.59
C LEU E 105 -6.15 12.64 12.52
N GLU E 106 -5.86 13.55 13.45
CA GLU E 106 -4.55 14.18 13.49
C GLU E 106 -4.11 14.33 14.92
N ALA E 107 -2.82 14.11 15.13
CA ALA E 107 -2.23 14.27 16.45
C ALA E 107 -1.42 15.57 16.27
N ARG E 108 -1.78 16.60 17.02
CA ARG E 108 -1.10 17.89 16.91
C ARG E 108 -0.10 18.19 18.02
N LEU E 109 1.02 18.80 17.62
CA LEU E 109 2.07 19.20 18.55
C LEU E 109 1.80 20.66 18.87
N ILE E 110 1.26 20.92 20.04
CA ILE E 110 0.94 22.29 20.44
C ILE E 110 2.14 22.93 21.11
N VAL E 111 2.71 23.95 20.47
CA VAL E 111 3.88 24.65 20.99
C VAL E 111 3.55 25.91 21.77
N HIS E 112 4.04 25.96 23.01
CA HIS E 112 3.82 27.11 23.87
C HIS E 112 5.06 28.00 23.96
N SER E 113 6.24 27.40 23.86
CA SER E 113 7.49 28.15 23.94
C SER E 113 8.66 27.47 23.21
N PHE E 114 9.33 28.21 22.33
CA PHE E 114 10.47 27.66 21.59
C PHE E 114 11.57 28.69 21.33
N LYS E 115 12.82 28.26 21.46
CA LYS E 115 13.98 29.12 21.24
C LYS E 115 14.86 28.63 20.09
N PRO E 116 15.32 29.55 19.22
CA PRO E 116 16.16 29.19 18.09
C PRO E 116 17.64 29.12 18.43
N ASN E 117 18.32 28.11 17.90
CA ASN E 117 19.75 27.96 18.11
C ASN E 117 20.34 28.02 16.70
N LEU E 118 20.88 29.17 16.31
CA LEU E 118 21.46 29.33 14.97
C LEU E 118 22.90 28.85 14.93
N GLN E 119 23.44 28.62 16.13
CA GLN E 119 24.81 28.17 16.35
C GLN E 119 25.31 27.00 15.49
N GLU E 120 25.40 27.20 14.17
CA GLU E 120 25.89 26.17 13.26
C GLU E 120 25.42 24.80 13.74
N ARG E 121 24.13 24.69 14.01
CA ARG E 121 23.57 23.43 14.47
C ARG E 121 23.51 22.44 13.33
N LEU E 122 24.12 21.28 13.55
CA LEU E 122 24.21 20.22 12.55
C LEU E 122 23.45 18.95 12.96
N ASN E 123 23.84 17.82 12.34
CA ASN E 123 23.27 16.48 12.58
C ASN E 123 22.97 15.71 11.28
N PRO E 124 23.86 14.78 10.91
CA PRO E 124 23.69 13.96 9.69
C PRO E 124 22.49 13.02 9.86
N THR E 125 21.43 13.26 9.10
CA THR E 125 20.19 12.50 9.21
C THR E 125 19.67 11.88 7.90
N ARG E 126 18.82 10.86 8.04
CA ARG E 126 18.21 10.20 6.88
C ARG E 126 17.15 11.19 6.36
N TYR E 127 16.63 10.98 5.15
CA TYR E 127 15.63 11.90 4.63
C TYR E 127 14.36 11.79 5.49
N PRO E 128 13.90 12.92 6.05
CA PRO E 128 12.70 12.93 6.90
C PRO E 128 11.41 12.64 6.12
N VAL E 129 10.60 11.75 6.68
CA VAL E 129 9.34 11.38 6.04
C VAL E 129 8.15 11.75 6.93
N ASN E 130 7.03 12.04 6.26
CA ASN E 130 5.79 12.41 6.95
C ASN E 130 5.39 11.28 7.90
N LEU E 131 5.32 11.58 9.20
CA LEU E 131 4.94 10.56 10.17
C LEU E 131 3.59 9.94 9.80
N PHE E 132 2.72 10.73 9.19
CA PHE E 132 1.42 10.21 8.81
C PHE E 132 1.38 9.48 7.48
N ARG E 133 2.52 8.98 7.05
CA ARG E 133 2.61 8.21 5.82
C ARG E 133 3.37 6.93 6.15
N ASP E 134 3.79 6.82 7.40
CA ASP E 134 4.53 5.66 7.89
C ASP E 134 3.63 4.43 8.08
N ASP E 135 4.13 3.27 7.66
CA ASP E 135 3.40 2.01 7.75
C ASP E 135 2.91 1.75 9.17
N GLU E 136 3.84 1.52 10.09
CA GLU E 136 3.47 1.25 11.47
C GLU E 136 2.56 2.30 12.08
N PHE E 137 2.83 3.58 11.83
CA PHE E 137 1.99 4.60 12.43
C PHE E 137 0.58 4.57 11.84
N LYS E 138 0.47 4.44 10.52
CA LYS E 138 -0.87 4.35 9.91
C LYS E 138 -1.59 3.18 10.58
N THR E 139 -0.86 2.09 10.80
CA THR E 139 -1.44 0.90 11.41
C THR E 139 -1.90 1.17 12.84
N THR E 140 -1.16 1.99 13.57
CA THR E 140 -1.52 2.33 14.94
C THR E 140 -2.85 3.10 14.92
N ILE E 141 -3.00 3.99 13.96
CA ILE E 141 -4.23 4.76 13.87
C ILE E 141 -5.39 3.87 13.42
N GLN E 142 -5.08 2.85 12.61
CA GLN E 142 -6.13 1.95 12.18
C GLN E 142 -6.56 1.15 13.39
N HIS E 143 -5.61 0.78 14.24
CA HIS E 143 -5.94 0.03 15.43
C HIS E 143 -6.92 0.87 16.26
N PHE E 144 -6.57 2.15 16.43
CA PHE E 144 -7.38 3.08 17.20
C PHE E 144 -8.83 3.07 16.70
N ARG E 145 -9.01 3.28 15.40
CA ARG E 145 -10.34 3.30 14.81
C ARG E 145 -11.07 1.97 14.95
N HIS E 146 -10.34 0.88 14.73
CA HIS E 146 -10.93 -0.44 14.82
C HIS E 146 -11.51 -0.65 16.22
N THR E 147 -10.80 -0.16 17.23
CA THR E 147 -11.26 -0.31 18.60
C THR E 147 -12.52 0.51 18.87
N ALA E 148 -12.57 1.72 18.33
CA ALA E 148 -13.71 2.60 18.52
C ALA E 148 -14.91 2.06 17.75
N LEU E 149 -14.62 1.58 16.55
CA LEU E 149 -15.64 1.03 15.68
C LEU E 149 -16.28 -0.23 16.23
N GLN E 150 -15.44 -1.10 16.79
CA GLN E 150 -15.93 -2.36 17.33
C GLN E 150 -16.77 -2.11 18.58
N ALA E 151 -16.36 -1.16 19.39
CA ALA E 151 -17.09 -0.84 20.62
C ALA E 151 -18.45 -0.24 20.28
N ALA E 152 -18.48 0.59 19.25
CA ALA E 152 -19.71 1.24 18.82
C ALA E 152 -20.68 0.23 18.20
N ILE E 153 -20.16 -0.71 17.40
CA ILE E 153 -20.98 -1.72 16.74
C ILE E 153 -21.55 -2.74 17.71
N ASN E 154 -20.82 -3.07 18.77
CA ASN E 154 -21.30 -4.03 19.74
C ASN E 154 -22.29 -3.35 20.69
N LYS E 155 -22.38 -2.02 20.61
CA LYS E 155 -23.30 -1.28 21.46
C LYS E 155 -24.58 -0.99 20.68
N THR E 156 -24.41 -0.73 19.39
CA THR E 156 -25.48 -0.39 18.45
C THR E 156 -26.27 -1.56 17.87
N VAL E 157 -25.56 -2.59 17.44
CA VAL E 157 -26.17 -3.77 16.84
C VAL E 157 -26.50 -4.81 17.91
N LYS E 158 -27.78 -5.10 18.06
CA LYS E 158 -28.24 -6.05 19.06
C LYS E 158 -29.38 -6.89 18.51
N GLY E 159 -29.82 -7.87 19.30
CA GLY E 159 -30.93 -8.72 18.91
C GLY E 159 -30.74 -9.76 17.81
N ASP E 160 -29.50 -9.98 17.39
CA ASP E 160 -29.19 -10.96 16.33
C ASP E 160 -30.19 -10.96 15.17
N ASN E 161 -30.32 -9.83 14.48
CA ASN E 161 -31.24 -9.74 13.35
C ASN E 161 -30.61 -10.46 12.14
N LEU E 162 -30.58 -11.78 12.20
CA LEU E 162 -30.03 -12.61 11.14
C LEU E 162 -30.94 -12.72 9.93
N VAL E 163 -30.36 -12.63 8.74
CA VAL E 163 -31.14 -12.77 7.50
C VAL E 163 -31.90 -14.09 7.61
N ASP E 164 -33.21 -14.08 7.38
CA ASP E 164 -33.99 -15.32 7.47
C ASP E 164 -33.45 -16.32 6.44
N ILE E 165 -33.19 -17.54 6.89
CA ILE E 165 -32.63 -18.53 6.00
C ILE E 165 -33.44 -18.77 4.72
N SER E 166 -34.77 -18.70 4.82
CA SER E 166 -35.61 -18.90 3.63
C SER E 166 -35.30 -17.88 2.55
N LYS E 167 -35.03 -16.64 2.94
CA LYS E 167 -34.74 -15.59 1.97
C LYS E 167 -33.56 -15.93 1.09
N VAL E 168 -32.66 -16.76 1.58
CA VAL E 168 -31.51 -17.10 0.79
C VAL E 168 -31.52 -18.54 0.28
N ALA E 169 -31.88 -19.50 1.13
CA ALA E 169 -31.89 -20.90 0.74
C ALA E 169 -32.97 -21.25 -0.29
N ASP E 170 -34.00 -20.43 -0.37
CA ASP E 170 -35.09 -20.67 -1.31
C ASP E 170 -35.26 -19.41 -2.16
N ALA E 171 -34.16 -18.96 -2.74
CA ALA E 171 -34.13 -17.74 -3.54
C ALA E 171 -34.52 -17.87 -5.01
N ALA E 172 -35.23 -18.92 -5.37
CA ALA E 172 -35.67 -19.07 -6.76
C ALA E 172 -36.96 -18.28 -6.87
N GLY E 173 -37.00 -17.31 -7.78
CA GLY E 173 -38.18 -16.47 -7.91
C GLY E 173 -38.13 -15.33 -6.92
N LYS E 174 -36.95 -15.13 -6.35
CA LYS E 174 -36.73 -14.06 -5.38
C LYS E 174 -35.59 -13.16 -5.81
N LYS E 175 -35.84 -11.87 -5.94
CA LYS E 175 -34.78 -10.94 -6.30
C LYS E 175 -34.64 -9.97 -5.15
N GLY E 176 -33.42 -9.50 -4.90
CA GLY E 176 -33.20 -8.58 -3.81
C GLY E 176 -32.22 -7.48 -4.11
N LYS E 177 -32.21 -6.46 -3.25
CA LYS E 177 -31.31 -5.33 -3.39
C LYS E 177 -30.20 -5.48 -2.36
N VAL E 178 -28.96 -5.40 -2.81
CA VAL E 178 -27.80 -5.57 -1.94
C VAL E 178 -27.74 -4.61 -0.78
N ASP E 179 -28.31 -3.42 -0.94
CA ASP E 179 -28.27 -2.46 0.16
C ASP E 179 -29.04 -2.94 1.38
N ALA E 180 -29.59 -4.14 1.29
CA ALA E 180 -30.33 -4.71 2.42
C ALA E 180 -29.29 -5.26 3.39
N GLY E 181 -28.05 -5.35 2.93
CA GLY E 181 -26.99 -5.84 3.79
C GLY E 181 -26.28 -4.74 4.54
N ILE E 182 -26.70 -3.49 4.32
CA ILE E 182 -26.07 -2.34 4.96
C ILE E 182 -26.59 -2.12 6.37
N VAL E 183 -25.69 -2.12 7.35
CA VAL E 183 -26.07 -1.94 8.75
C VAL E 183 -25.34 -0.75 9.37
N LYS E 184 -26.07 0.14 10.02
CA LYS E 184 -25.46 1.31 10.65
C LYS E 184 -24.56 0.88 11.81
N ALA E 185 -23.36 1.44 11.84
CA ALA E 185 -22.37 1.09 12.87
C ALA E 185 -22.58 1.81 14.19
N SER E 186 -23.16 3.00 14.14
CA SER E 186 -23.34 3.75 15.37
C SER E 186 -24.48 4.74 15.25
N ALA E 187 -24.64 5.53 16.31
CA ALA E 187 -25.66 6.57 16.35
C ALA E 187 -24.97 7.85 15.93
N SER E 188 -24.76 7.99 14.63
CA SER E 188 -24.09 9.18 14.12
C SER E 188 -25.13 10.14 13.58
N LYS E 189 -24.65 11.18 12.92
CA LYS E 189 -25.52 12.17 12.34
C LYS E 189 -25.43 12.04 10.83
N GLY E 190 -24.21 11.91 10.32
CA GLY E 190 -24.03 11.80 8.87
C GLY E 190 -23.53 10.47 8.36
N ASP E 191 -22.83 10.52 7.23
CA ASP E 191 -22.29 9.31 6.62
C ASP E 191 -20.93 8.89 7.16
N GLU E 192 -20.30 9.72 7.98
CA GLU E 192 -18.99 9.39 8.52
C GLU E 192 -19.08 8.81 9.94
N PHE E 193 -18.19 7.89 10.26
CA PHE E 193 -18.17 7.30 11.59
C PHE E 193 -17.47 8.33 12.50
N SER E 194 -18.12 8.68 13.61
CA SER E 194 -17.57 9.68 14.53
C SER E 194 -17.81 9.32 15.99
N ASP E 195 -18.23 8.09 16.24
CA ASP E 195 -18.50 7.68 17.61
C ASP E 195 -17.22 7.33 18.38
N PHE E 196 -16.39 8.34 18.65
CA PHE E 196 -15.15 8.13 19.40
C PHE E 196 -15.38 8.57 20.84
N SER E 197 -14.48 8.19 21.75
CA SER E 197 -14.64 8.56 23.14
C SER E 197 -13.52 9.45 23.68
N PHE E 198 -12.55 9.77 22.82
CA PHE E 198 -11.45 10.65 23.24
C PHE E 198 -12.04 12.05 23.15
N LYS E 199 -11.77 12.90 24.13
CA LYS E 199 -12.33 14.24 24.03
C LYS E 199 -11.43 15.13 23.19
N GLU E 200 -11.92 15.41 21.99
CA GLU E 200 -11.20 16.22 21.02
C GLU E 200 -10.71 17.53 21.63
N GLY E 201 -9.40 17.64 21.79
CA GLY E 201 -8.83 18.85 22.36
C GLY E 201 -9.09 20.04 21.45
N ASN E 202 -9.25 21.22 22.05
CA ASN E 202 -9.49 22.43 21.28
C ASN E 202 -8.19 23.23 21.06
N THR E 203 -7.92 24.20 21.92
CA THR E 203 -6.71 25.03 21.81
C THR E 203 -6.54 25.82 20.51
N ALA E 204 -6.64 27.14 20.62
CA ALA E 204 -6.48 28.01 19.45
C ALA E 204 -5.04 28.00 18.96
N THR E 205 -4.87 28.14 17.64
CA THR E 205 -3.55 28.14 17.02
C THR E 205 -3.51 29.14 15.87
N LEU E 206 -2.32 29.51 15.43
CA LEU E 206 -2.16 30.47 14.33
C LEU E 206 -1.99 29.81 12.97
N LYS E 207 -2.58 30.44 11.95
CA LYS E 207 -2.43 29.94 10.60
C LYS E 207 -1.05 30.43 10.15
N ILE E 208 -0.27 29.54 9.56
CA ILE E 208 1.08 29.84 9.10
C ILE E 208 1.19 31.12 8.26
N ALA E 209 0.09 31.56 7.65
CA ALA E 209 0.11 32.77 6.82
C ALA E 209 -0.01 34.05 7.65
N ASP E 210 -0.61 33.95 8.83
CA ASP E 210 -0.78 35.12 9.69
C ASP E 210 0.57 35.51 10.31
N ILE E 211 1.42 34.51 10.51
CA ILE E 211 2.73 34.74 11.10
C ILE E 211 3.70 35.26 10.01
N PHE E 212 3.24 35.20 8.76
CA PHE E 212 4.03 35.66 7.62
C PHE E 212 3.68 37.11 7.31
N VAL E 213 2.45 37.49 7.66
CA VAL E 213 1.97 38.84 7.45
C VAL E 213 2.43 39.68 8.64
N GLN E 214 2.50 39.05 9.80
CA GLN E 214 2.92 39.73 11.02
C GLN E 214 4.41 40.11 10.90
N GLU E 215 5.14 39.40 10.04
CA GLU E 215 6.57 39.66 9.86
C GLU E 215 6.90 40.35 8.53
N LYS E 216 6.06 40.17 7.53
CA LYS E 216 6.24 40.80 6.22
C LYS E 216 4.92 40.99 5.46
N GLY E 217 4.06 41.86 6.01
CA GLY E 217 2.76 42.14 5.40
C GLY E 217 2.61 41.92 3.90
#